data_1W7C
#
_entry.id   1W7C
#
_cell.length_a   139.948
_cell.length_b   67.027
_cell.length_c   108.688
_cell.angle_alpha   90.00
_cell.angle_beta   118.95
_cell.angle_gamma   90.00
#
_symmetry.space_group_name_H-M   'C 1 2 1'
#
loop_
_entity.id
_entity.type
_entity.pdbx_description
1 polymer 'LYSYL OXIDASE'
2 branched beta-D-mannopyranose-(1-4)-2-acetamido-2-deoxy-beta-D-glucopyranose-(1-4)-2-acetamido-2-deoxy-beta-D-glucopyranose
3 non-polymer 'COPPER (II) ION'
4 non-polymer 'CALCIUM ION'
5 non-polymer 'MAGNESIUM ION'
6 non-polymer 'CHLORIDE ION'
7 non-polymer IMIDAZOLE
8 non-polymer 2-acetamido-2-deoxy-beta-D-glucopyranose
9 water water
#
_entity_poly.entity_id   1
_entity_poly.type   'polypeptide(L)'
_entity_poly.pdbx_seq_one_letter_code
;ASAECVSNENVEIEAPKTNIWTSLAKEEVQEVLDLLHSTYNITEVTKADFFSNYVLWIETLKPNKTEALTYLDEDGDLPP
RNARTVVYFGEGEEGYFEELKVGPLPVSDETTIEPLSFYNTNGKSKLPFEVGHLDRIKSAAKSSFLNKNLNTTIMRDVLE
GLIGVPYEDMGCHSAAPQLHDPATGATVDYGTCNINTENDAENLVPTGFFFKFDMTGRDVSQWKMLEYIYNNKVYTSAEE
LYEAMQKDDFVTLPKIDVDNLDWTVIQRNDSAPVRHLDDRKSPRLVEPEGRRWAYDGDEEYFSWMDWGFYTSWSRDTGIS
FYDITFKGERIVYELSLQELIAEYGSDDPFNQHTFYSDISYGVGNRFSLVPGYDCPSTAGYFTTDTFEYDEFYNRTLSYC
VFENQEDYSLLRHTGASYSAITQNPTLNVRFISTIGN(TPQ)DYNFLYKFFLDGTLEVSVRAAGYIQAGYWNPETSAPYG
LKIHDVLSGSFHDHVLNYKVDLDVGGTKNRASQYVMKDVDVEYPWAPGTVYNTKQIAREVFENEDFNGINWPENGQGILL
IESAEETNSFGNPRAYNIMPGGGGVHRIVKNSRSGPETQNWARSNLFLTKHKDTELRSSTALNTNALYDPPVNFNAFLDD
ESLDGEDIVAWVNLGLHHLPNSNDLPNTIFSTAHASFMLTPFNYFDSENSRDTTQQVFYTYDDETEESNWEFYGNDWSSC
GVEVAEPNFEDYTYGRGTRINKKMTNSDEVY
;
_entity_poly.pdbx_strand_id   A
#
loop_
_chem_comp.id
_chem_comp.type
_chem_comp.name
_chem_comp.formula
BMA D-saccharide, beta linking beta-D-mannopyranose 'C6 H12 O6'
CA non-polymer 'CALCIUM ION' 'Ca 2'
CL non-polymer 'CHLORIDE ION' 'Cl -1'
CU non-polymer 'COPPER (II) ION' 'Cu 2'
IMD non-polymer IMIDAZOLE 'C3 H5 N2 1'
MG non-polymer 'MAGNESIUM ION' 'Mg 2'
NAG D-saccharide, beta linking 2-acetamido-2-deoxy-beta-D-glucopyranose 'C8 H15 N O6'
#
# COMPACT_ATOMS: atom_id res chain seq x y z
N ALA A 3 -10.38 -41.41 16.83
CA ALA A 3 -9.33 -41.77 15.80
C ALA A 3 -8.74 -40.49 15.25
N GLU A 4 -7.67 -40.59 14.46
CA GLU A 4 -7.05 -39.40 13.86
C GLU A 4 -7.88 -38.85 12.69
N CYS A 5 -7.95 -37.54 12.61
CA CYS A 5 -8.52 -36.88 11.44
C CYS A 5 -7.72 -37.30 10.21
N VAL A 6 -8.38 -37.38 9.07
CA VAL A 6 -7.75 -37.86 7.85
C VAL A 6 -6.81 -36.80 7.31
N SER A 7 -5.53 -37.07 7.27
CA SER A 7 -4.56 -36.11 6.77
C SER A 7 -4.49 -36.20 5.25
N ASN A 8 -4.18 -35.05 4.65
CA ASN A 8 -3.91 -34.95 3.24
C ASN A 8 -2.72 -34.01 3.02
N GLU A 9 -1.95 -34.27 1.98
CA GLU A 9 -0.78 -33.41 1.67
C GLU A 9 -1.14 -32.15 0.92
N ASN A 10 -0.26 -31.15 1.04
CA ASN A 10 -0.42 -29.93 0.26
C ASN A 10 -0.36 -30.27 -1.21
N VAL A 11 -1.22 -29.65 -1.99
CA VAL A 11 -1.32 -29.94 -3.41
C VAL A 11 -0.62 -28.86 -4.20
N GLU A 12 0.18 -29.28 -5.17
CA GLU A 12 0.77 -28.38 -6.15
C GLU A 12 0.16 -28.64 -7.52
N ILE A 13 0.08 -27.59 -8.32
CA ILE A 13 -0.48 -27.65 -9.66
C ILE A 13 0.44 -26.99 -10.65
N GLU A 14 0.14 -27.19 -11.94
CA GLU A 14 0.84 -26.47 -13.00
C GLU A 14 -0.02 -25.31 -13.51
N ALA A 15 0.54 -24.09 -13.50
CA ALA A 15 -0.14 -22.88 -13.96
C ALA A 15 -0.51 -23.07 -15.43
N PRO A 16 -1.66 -22.52 -15.84
CA PRO A 16 -2.06 -22.57 -17.25
C PRO A 16 -1.04 -21.96 -18.22
N LYS A 17 -0.36 -20.91 -17.77
CA LYS A 17 0.60 -20.19 -18.57
C LYS A 17 1.78 -19.79 -17.71
N THR A 18 2.80 -19.21 -18.30
CA THR A 18 3.96 -18.64 -17.61
CA THR A 18 3.89 -18.72 -17.45
C THR A 18 3.58 -17.33 -16.92
N ASN A 19 4.15 -17.07 -15.76
CA ASN A 19 3.97 -15.80 -15.11
C ASN A 19 4.86 -14.74 -15.77
N ILE A 20 4.29 -14.07 -16.76
CA ILE A 20 4.97 -13.07 -17.55
C ILE A 20 5.15 -11.74 -16.81
N TRP A 21 4.62 -11.68 -15.58
CA TRP A 21 4.72 -10.49 -14.75
C TRP A 21 5.76 -10.64 -13.64
N THR A 22 6.41 -11.80 -13.57
CA THR A 22 7.21 -12.08 -12.40
C THR A 22 8.49 -11.25 -12.36
N SER A 23 9.00 -11.06 -11.14
CA SER A 23 10.22 -10.29 -10.95
C SER A 23 11.39 -10.94 -11.68
N LEU A 24 12.42 -10.15 -11.95
CA LEU A 24 13.61 -10.68 -12.58
C LEU A 24 14.28 -11.74 -11.71
N ALA A 25 14.71 -12.82 -12.35
CA ALA A 25 15.56 -13.80 -11.70
C ALA A 25 16.94 -13.18 -11.40
N LYS A 26 17.62 -13.73 -10.41
N LYS A 26 17.62 -13.73 -10.41
CA LYS A 26 18.96 -13.24 -10.06
CA LYS A 26 18.96 -13.24 -10.06
C LYS A 26 19.85 -13.16 -11.29
C LYS A 26 19.85 -13.16 -11.29
N GLU A 27 19.81 -14.22 -12.11
CA GLU A 27 20.62 -14.29 -13.32
C GLU A 27 20.29 -13.17 -14.33
N GLU A 28 19.00 -12.80 -14.41
CA GLU A 28 18.59 -11.72 -15.30
C GLU A 28 19.09 -10.39 -14.77
N VAL A 29 18.95 -10.16 -13.47
CA VAL A 29 19.49 -8.95 -12.87
C VAL A 29 21.01 -8.86 -13.14
N GLN A 30 21.71 -9.98 -12.96
CA GLN A 30 23.15 -9.98 -13.14
C GLN A 30 23.55 -9.63 -14.57
N GLU A 31 22.84 -10.20 -15.55
CA GLU A 31 23.10 -9.90 -16.96
C GLU A 31 22.90 -8.41 -17.25
N VAL A 32 21.85 -7.83 -16.69
CA VAL A 32 21.57 -6.43 -16.94
C VAL A 32 22.64 -5.56 -16.28
N LEU A 33 22.99 -5.87 -15.04
CA LEU A 33 23.98 -5.06 -14.32
C LEU A 33 25.32 -5.13 -15.06
N ASP A 34 25.66 -6.31 -15.54
CA ASP A 34 26.91 -6.53 -16.29
C ASP A 34 26.92 -5.67 -17.56
N LEU A 35 25.78 -5.61 -18.24
CA LEU A 35 25.70 -4.84 -19.50
C LEU A 35 25.78 -3.35 -19.22
N LEU A 36 25.17 -2.91 -18.13
CA LEU A 36 25.26 -1.52 -17.73
C LEU A 36 26.73 -1.18 -17.44
N HIS A 37 27.43 -2.07 -16.75
CA HIS A 37 28.83 -1.83 -16.39
C HIS A 37 29.74 -1.77 -17.63
N SER A 38 29.40 -2.51 -18.69
CA SER A 38 30.22 -2.53 -19.89
C SER A 38 29.86 -1.37 -20.84
N THR A 39 28.69 -0.77 -20.65
CA THR A 39 28.20 0.29 -21.53
C THR A 39 28.55 1.70 -21.01
N TYR A 40 28.51 1.86 -19.70
CA TYR A 40 28.75 3.13 -19.02
C TYR A 40 29.84 2.94 -17.98
N ASN A 41 30.43 4.04 -17.54
CA ASN A 41 31.33 4.01 -16.38
C ASN A 41 30.49 4.05 -15.12
N ILE A 42 30.30 2.87 -14.54
CA ILE A 42 29.46 2.71 -13.35
C ILE A 42 30.37 2.57 -12.13
N THR A 43 30.09 3.39 -11.12
CA THR A 43 30.75 3.35 -9.83
C THR A 43 29.87 2.56 -8.85
N GLU A 44 30.50 1.76 -7.99
CA GLU A 44 29.78 1.10 -6.90
C GLU A 44 29.17 2.15 -5.99
N VAL A 45 27.97 1.89 -5.52
CA VAL A 45 27.23 2.85 -4.73
C VAL A 45 28.00 3.27 -3.49
N THR A 46 28.74 2.33 -2.91
CA THR A 46 29.55 2.63 -1.71
C THR A 46 30.73 3.60 -1.97
N LYS A 47 31.05 3.84 -3.23
CA LYS A 47 32.12 4.76 -3.60
C LYS A 47 31.63 5.99 -4.37
N ALA A 48 30.31 6.11 -4.50
CA ALA A 48 29.68 7.06 -5.38
C ALA A 48 29.38 8.40 -4.67
N ASP A 49 29.35 9.45 -5.47
CA ASP A 49 28.86 10.76 -5.03
C ASP A 49 28.01 11.37 -6.15
N PHE A 50 27.65 12.65 -6.01
CA PHE A 50 26.75 13.29 -6.97
C PHE A 50 27.35 13.47 -8.37
N PHE A 51 28.64 13.18 -8.53
CA PHE A 51 29.32 13.36 -9.80
C PHE A 51 29.67 12.01 -10.44
N SER A 52 29.33 10.93 -9.75
CA SER A 52 29.47 9.57 -10.28
C SER A 52 28.27 9.17 -11.10
N ASN A 53 28.39 8.04 -11.78
CA ASN A 53 27.22 7.31 -12.29
C ASN A 53 27.07 6.06 -11.47
N TYR A 54 25.84 5.69 -11.15
CA TYR A 54 25.61 4.45 -10.42
C TYR A 54 24.23 3.92 -10.66
N VAL A 55 24.06 2.61 -10.49
CA VAL A 55 22.78 1.99 -10.73
C VAL A 55 21.93 1.94 -9.45
N LEU A 56 20.67 2.35 -9.56
CA LEU A 56 19.74 2.22 -8.42
C LEU A 56 18.92 0.95 -8.45
N TRP A 57 18.17 0.80 -9.55
CA TRP A 57 17.11 -0.20 -9.65
C TRP A 57 17.19 -0.97 -10.97
N ILE A 58 16.86 -2.26 -10.90
CA ILE A 58 16.75 -3.14 -12.05
C ILE A 58 15.58 -4.09 -11.78
N GLU A 59 14.52 -3.95 -12.57
CA GLU A 59 13.32 -4.74 -12.35
C GLU A 59 12.61 -5.09 -13.65
N THR A 60 11.62 -5.99 -13.55
CA THR A 60 10.82 -6.34 -14.71
C THR A 60 10.04 -5.15 -15.24
N LEU A 61 10.14 -4.90 -16.54
CA LEU A 61 9.23 -4.00 -17.23
C LEU A 61 8.09 -4.89 -17.73
N LYS A 62 6.94 -4.79 -17.09
CA LYS A 62 5.86 -5.77 -17.33
C LYS A 62 5.33 -5.63 -18.77
N PRO A 63 4.83 -6.73 -19.32
CA PRO A 63 4.27 -6.68 -20.66
C PRO A 63 3.09 -5.72 -20.80
N ASN A 64 2.90 -5.27 -22.02
CA ASN A 64 1.73 -4.50 -22.35
C ASN A 64 0.51 -5.42 -22.43
N LYS A 65 -0.67 -4.87 -22.26
CA LYS A 65 -1.86 -5.65 -22.03
C LYS A 65 -2.30 -6.44 -23.26
N THR A 66 -2.34 -5.82 -24.45
CA THR A 66 -2.78 -6.58 -25.61
C THR A 66 -1.88 -7.78 -25.87
N GLU A 67 -0.57 -7.61 -25.76
CA GLU A 67 0.36 -8.72 -26.01
C GLU A 67 0.19 -9.77 -24.92
N ALA A 68 -0.07 -9.35 -23.69
CA ALA A 68 -0.30 -10.31 -22.60
C ALA A 68 -1.57 -11.10 -22.87
N LEU A 69 -2.65 -10.43 -23.25
CA LEU A 69 -3.90 -11.13 -23.49
C LEU A 69 -3.82 -12.09 -24.67
N THR A 70 -3.08 -11.70 -25.73
CA THR A 70 -2.89 -12.58 -26.88
C THR A 70 -2.17 -13.86 -26.42
N TYR A 71 -1.17 -13.72 -25.57
CA TYR A 71 -0.48 -14.86 -24.98
C TYR A 71 -1.40 -15.73 -24.11
N LEU A 72 -2.16 -15.10 -23.20
CA LEU A 72 -2.98 -15.85 -22.27
C LEU A 72 -4.16 -16.54 -22.91
N ASP A 73 -4.75 -15.89 -23.92
CA ASP A 73 -6.06 -16.27 -24.42
C ASP A 73 -6.09 -16.78 -25.86
N GLU A 74 -5.09 -16.40 -26.65
CA GLU A 74 -5.08 -16.63 -28.12
C GLU A 74 -3.80 -17.27 -28.63
N ASP A 75 -3.12 -18.04 -27.79
CA ASP A 75 -1.96 -18.83 -28.24
C ASP A 75 -0.84 -17.93 -28.79
N GLY A 76 -0.74 -16.72 -28.27
CA GLY A 76 0.29 -15.78 -28.72
C GLY A 76 1.69 -16.14 -28.21
N ASP A 77 2.68 -15.47 -28.79
CA ASP A 77 4.06 -15.57 -28.34
C ASP A 77 4.17 -15.02 -26.93
N LEU A 78 5.11 -15.53 -26.14
CA LEU A 78 5.53 -14.84 -24.93
C LEU A 78 5.87 -13.39 -25.28
N PRO A 79 5.37 -12.43 -24.51
CA PRO A 79 5.83 -11.07 -24.68
C PRO A 79 7.33 -10.96 -24.43
N PRO A 80 7.98 -9.94 -25.01
CA PRO A 80 9.40 -9.74 -24.72
C PRO A 80 9.65 -9.58 -23.22
N ARG A 81 10.78 -10.10 -22.79
CA ARG A 81 11.25 -10.04 -21.41
C ARG A 81 12.23 -8.87 -21.37
N ASN A 82 11.83 -7.81 -20.68
CA ASN A 82 12.59 -6.57 -20.62
C ASN A 82 12.76 -6.16 -19.17
N ALA A 83 13.84 -5.43 -18.90
CA ALA A 83 14.06 -4.76 -17.63
C ALA A 83 13.89 -3.25 -17.75
N ARG A 84 13.31 -2.68 -16.71
CA ARG A 84 13.39 -1.25 -16.40
C ARG A 84 14.57 -1.10 -15.45
N THR A 85 15.47 -0.17 -15.78
CA THR A 85 16.57 0.20 -14.87
C THR A 85 16.54 1.69 -14.64
N VAL A 86 16.98 2.09 -13.47
CA VAL A 86 17.13 3.50 -13.15
C VAL A 86 18.59 3.67 -12.74
N VAL A 87 19.26 4.61 -13.42
CA VAL A 87 20.69 4.85 -13.28
C VAL A 87 20.85 6.35 -13.01
N TYR A 88 21.65 6.68 -12.01
CA TYR A 88 22.05 8.07 -11.82
C TYR A 88 23.26 8.36 -12.68
N PHE A 89 23.15 9.40 -13.49
CA PHE A 89 24.29 9.92 -14.26
C PHE A 89 24.75 11.27 -13.76
N GLY A 90 25.96 11.30 -13.18
CA GLY A 90 26.56 12.51 -12.70
C GLY A 90 27.77 12.97 -13.50
N GLU A 91 28.16 12.21 -14.51
CA GLU A 91 29.35 12.50 -15.29
C GLU A 91 29.25 13.77 -16.13
N GLY A 92 28.03 14.21 -16.38
CA GLY A 92 27.81 15.42 -17.15
C GLY A 92 27.86 16.72 -16.37
N GLU A 93 27.62 17.81 -17.08
CA GLU A 93 27.61 19.15 -16.49
C GLU A 93 26.51 19.29 -15.45
N GLU A 94 25.42 18.55 -15.65
CA GLU A 94 24.33 18.45 -14.68
C GLU A 94 23.98 16.99 -14.45
N GLY A 95 23.60 16.67 -13.22
CA GLY A 95 23.21 15.33 -12.85
C GLY A 95 21.74 15.08 -13.05
N TYR A 96 21.42 13.81 -13.29
CA TYR A 96 20.02 13.39 -13.43
C TYR A 96 19.94 11.90 -13.24
N PHE A 97 18.77 11.43 -12.85
CA PHE A 97 18.46 10.00 -12.93
C PHE A 97 17.83 9.74 -14.28
N GLU A 98 18.15 8.59 -14.89
CA GLU A 98 17.49 8.22 -16.12
C GLU A 98 16.97 6.80 -16.04
N GLU A 99 15.74 6.63 -16.53
CA GLU A 99 15.14 5.32 -16.68
C GLU A 99 15.52 4.81 -18.08
N LEU A 100 15.98 3.57 -18.11
CA LEU A 100 16.45 2.90 -19.30
C LEU A 100 15.82 1.52 -19.40
N LYS A 101 15.40 1.17 -20.62
CA LYS A 101 14.91 -0.17 -20.94
C LYS A 101 16.07 -1.01 -21.42
N VAL A 102 16.24 -2.18 -20.81
CA VAL A 102 17.28 -3.13 -21.22
C VAL A 102 16.59 -4.41 -21.64
N GLY A 103 16.73 -4.76 -22.90
CA GLY A 103 16.11 -5.97 -23.41
C GLY A 103 16.19 -6.07 -24.92
N PRO A 104 15.70 -7.18 -25.47
CA PRO A 104 15.12 -8.28 -24.70
C PRO A 104 16.17 -9.13 -23.97
N LEU A 105 15.69 -9.93 -23.02
CA LEU A 105 16.49 -10.82 -22.22
C LEU A 105 16.10 -12.27 -22.57
N PRO A 106 17.01 -13.22 -22.44
CA PRO A 106 18.40 -13.01 -21.97
C PRO A 106 19.23 -12.17 -22.93
N VAL A 107 20.33 -11.62 -22.42
CA VAL A 107 21.19 -10.74 -23.21
C VAL A 107 21.69 -11.50 -24.44
N SER A 108 21.54 -10.85 -25.59
CA SER A 108 22.01 -11.37 -26.87
C SER A 108 22.41 -10.20 -27.77
N ASP A 109 22.79 -10.48 -29.02
CA ASP A 109 23.10 -9.38 -29.95
C ASP A 109 21.87 -8.52 -30.31
N GLU A 110 20.68 -8.97 -29.93
CA GLU A 110 19.44 -8.22 -30.14
C GLU A 110 19.17 -7.23 -29.00
N THR A 111 19.86 -7.41 -27.88
CA THR A 111 19.61 -6.58 -26.69
C THR A 111 20.11 -5.18 -26.87
N THR A 112 19.28 -4.22 -26.47
CA THR A 112 19.64 -2.84 -26.49
C THR A 112 19.36 -2.16 -25.16
N ILE A 113 19.92 -0.98 -25.02
CA ILE A 113 19.61 -0.07 -23.93
C ILE A 113 19.07 1.23 -24.51
N GLU A 114 17.86 1.62 -24.10
CA GLU A 114 17.19 2.79 -24.64
C GLU A 114 16.59 3.62 -23.53
N PRO A 115 16.49 4.94 -23.70
CA PRO A 115 15.70 5.75 -22.78
C PRO A 115 14.27 5.20 -22.66
N LEU A 116 13.75 5.23 -21.45
CA LEU A 116 12.44 4.67 -21.13
C LEU A 116 11.56 5.72 -20.49
N SER A 117 10.44 6.01 -21.14
CA SER A 117 9.56 7.07 -20.67
C SER A 117 8.09 6.91 -21.02
N PHE A 118 7.69 5.80 -21.64
CA PHE A 118 6.34 5.75 -22.20
C PHE A 118 5.24 5.89 -21.12
N TYR A 119 5.51 5.40 -19.91
CA TYR A 119 4.54 5.44 -18.81
C TYR A 119 4.63 6.73 -17.99
N ASN A 120 5.57 7.61 -18.32
CA ASN A 120 5.68 8.92 -17.69
C ASN A 120 4.89 9.91 -18.46
N THR A 121 3.87 10.49 -17.83
CA THR A 121 3.02 11.44 -18.51
C THR A 121 3.78 12.70 -18.93
N ASN A 122 4.89 12.99 -18.28
CA ASN A 122 5.66 14.19 -18.61
C ASN A 122 6.62 13.99 -19.77
N GLY A 123 6.61 12.79 -20.34
CA GLY A 123 7.37 12.45 -21.55
C GLY A 123 8.87 12.37 -21.41
N LYS A 124 9.36 12.35 -20.18
CA LYS A 124 10.79 12.39 -19.91
C LYS A 124 11.28 11.08 -19.31
N SER A 125 12.45 10.64 -19.76
CA SER A 125 13.21 9.59 -19.10
C SER A 125 14.12 10.12 -18.00
N LYS A 126 14.48 11.39 -18.07
CA LYS A 126 15.44 11.97 -17.16
C LYS A 126 14.71 12.80 -16.06
N LEU A 127 15.12 12.54 -14.83
CA LEU A 127 14.65 13.26 -13.65
C LEU A 127 15.79 14.14 -13.15
N PRO A 128 15.65 15.47 -13.20
CA PRO A 128 16.74 16.36 -12.79
C PRO A 128 17.18 16.14 -11.34
N PHE A 129 18.47 16.36 -11.09
CA PHE A 129 19.03 16.24 -9.75
C PHE A 129 18.20 16.98 -8.69
N GLU A 130 17.82 18.23 -8.97
CA GLU A 130 17.11 19.03 -7.96
C GLU A 130 15.85 18.36 -7.42
N VAL A 131 15.16 17.59 -8.27
CA VAL A 131 13.91 16.91 -7.90
C VAL A 131 14.13 15.39 -7.85
N GLY A 132 15.37 15.00 -7.60
CA GLY A 132 15.79 13.64 -7.68
C GLY A 132 15.25 12.75 -6.55
N HIS A 133 15.49 11.46 -6.68
CA HIS A 133 15.15 10.51 -5.64
C HIS A 133 16.03 10.77 -4.42
N LEU A 134 15.42 10.67 -3.25
CA LEU A 134 16.16 10.71 -1.99
C LEU A 134 16.83 9.37 -1.78
N ASP A 135 17.96 9.23 -2.46
CA ASP A 135 18.66 7.98 -2.54
C ASP A 135 19.74 7.93 -1.45
N ARG A 136 20.49 6.84 -1.42
CA ARG A 136 21.47 6.63 -0.35
C ARG A 136 22.51 7.76 -0.36
N ILE A 137 22.87 8.20 -1.55
CA ILE A 137 23.91 9.23 -1.74
C ILE A 137 23.41 10.59 -1.24
N LYS A 138 22.20 10.97 -1.63
CA LYS A 138 21.63 12.24 -1.17
C LYS A 138 21.34 12.23 0.33
N SER A 139 20.84 11.10 0.85
CA SER A 139 20.60 10.96 2.30
C SER A 139 21.89 11.17 3.10
N ALA A 140 22.96 10.57 2.62
CA ALA A 140 24.25 10.68 3.29
C ALA A 140 24.79 12.11 3.27
N ALA A 141 24.62 12.78 2.13
CA ALA A 141 25.05 14.17 1.99
C ALA A 141 24.28 15.08 2.95
N LYS A 142 22.96 14.88 3.03
CA LYS A 142 22.15 15.65 3.94
C LYS A 142 22.50 15.43 5.40
N SER A 143 22.67 14.18 5.77
CA SER A 143 23.06 13.83 7.13
C SER A 143 24.39 14.49 7.51
N SER A 144 25.36 14.44 6.60
CA SER A 144 26.67 15.04 6.85
C SER A 144 26.59 16.55 6.99
N PHE A 145 25.77 17.16 6.14
CA PHE A 145 25.56 18.60 6.18
C PHE A 145 24.92 19.01 7.51
N LEU A 146 23.91 18.27 7.95
CA LEU A 146 23.26 18.61 9.20
C LEU A 146 24.24 18.47 10.37
N ASN A 147 25.04 17.42 10.39
CA ASN A 147 26.01 17.25 11.47
C ASN A 147 27.04 18.39 11.48
N LYS A 148 27.45 18.83 10.30
CA LYS A 148 28.40 19.93 10.14
C LYS A 148 27.86 21.22 10.77
N ASN A 149 26.56 21.46 10.64
CA ASN A 149 25.94 22.66 11.19
C ASN A 149 25.49 22.54 12.65
N LEU A 150 24.93 21.39 13.01
CA LEU A 150 24.31 21.20 14.32
C LEU A 150 25.30 20.77 15.40
N ASN A 151 26.48 20.28 15.02
CA ASN A 151 27.47 19.81 15.99
C ASN A 151 28.64 20.79 16.22
N THR A 152 28.40 22.08 15.98
CA THR A 152 29.40 23.10 16.36
C THR A 152 29.34 23.34 17.87
N THR A 153 30.37 23.97 18.40
CA THR A 153 30.39 24.31 19.82
C THR A 153 29.13 25.09 20.21
N ILE A 154 28.76 26.09 19.41
CA ILE A 154 27.58 26.92 19.70
C ILE A 154 26.28 26.12 19.59
N MET A 155 26.10 25.38 18.49
CA MET A 155 24.84 24.64 18.34
C MET A 155 24.69 23.50 19.34
N ARG A 156 25.79 22.89 19.78
CA ARG A 156 25.71 21.87 20.83
C ARG A 156 25.13 22.49 22.10
N ASP A 157 25.58 23.70 22.43
CA ASP A 157 25.10 24.43 23.60
C ASP A 157 23.63 24.84 23.46
N VAL A 158 23.26 25.35 22.28
CA VAL A 158 21.87 25.73 21.98
C VAL A 158 20.95 24.52 22.13
N LEU A 159 21.32 23.41 21.48
CA LEU A 159 20.48 22.23 21.51
C LEU A 159 20.32 21.67 22.93
N GLU A 160 21.40 21.55 23.69
CA GLU A 160 21.29 21.01 25.05
C GLU A 160 20.48 21.95 25.94
N GLY A 161 20.72 23.26 25.80
CA GLY A 161 19.97 24.25 26.55
C GLY A 161 18.48 24.20 26.33
N LEU A 162 18.05 24.08 25.07
CA LEU A 162 16.63 24.08 24.75
C LEU A 162 15.96 22.74 25.03
N ILE A 163 16.66 21.65 24.76
CA ILE A 163 16.07 20.31 24.72
C ILE A 163 16.29 19.52 26.01
N GLY A 164 17.44 19.71 26.65
CA GLY A 164 17.72 19.09 27.92
C GLY A 164 18.63 17.88 27.87
N VAL A 165 19.05 17.48 26.67
CA VAL A 165 20.02 16.40 26.52
C VAL A 165 21.06 16.87 25.51
N PRO A 166 22.28 16.32 25.56
CA PRO A 166 23.31 16.71 24.59
C PRO A 166 23.01 16.14 23.19
N TYR A 167 23.72 16.69 22.21
CA TYR A 167 23.60 16.29 20.82
C TYR A 167 23.65 14.78 20.60
N GLU A 168 24.50 14.07 21.37
CA GLU A 168 24.68 12.63 21.22
C GLU A 168 23.38 11.85 21.52
N ASP A 169 22.49 12.47 22.29
CA ASP A 169 21.28 11.80 22.78
C ASP A 169 20.04 12.14 21.95
N MET A 170 20.22 12.84 20.84
CA MET A 170 19.13 13.16 19.92
C MET A 170 19.53 12.81 18.48
N GLY A 171 18.55 12.85 17.62
CA GLY A 171 18.76 12.62 16.21
C GLY A 171 18.00 13.66 15.40
N CYS A 172 18.72 14.34 14.52
CA CYS A 172 18.14 15.40 13.72
C CYS A 172 18.06 14.93 12.28
N HIS A 173 16.99 15.32 11.61
CA HIS A 173 16.60 14.74 10.32
C HIS A 173 15.64 15.69 9.57
N SER A 174 15.43 15.38 8.31
CA SER A 174 14.83 16.28 7.34
C SER A 174 13.40 15.84 6.95
N ALA A 175 12.54 16.80 6.71
CA ALA A 175 11.14 16.58 6.29
C ALA A 175 11.09 16.15 4.84
N ALA A 176 10.11 15.31 4.53
CA ALA A 176 9.88 14.84 3.16
C ALA A 176 8.48 15.22 2.75
N PRO A 177 8.32 15.74 1.53
CA PRO A 177 9.38 15.90 0.53
C PRO A 177 10.23 17.16 0.73
N GLN A 178 11.33 17.19 -0.01
CA GLN A 178 12.08 18.44 -0.22
C GLN A 178 11.23 19.43 -0.99
N LEU A 179 11.62 20.70 -0.95
CA LEU A 179 10.86 21.79 -1.55
C LEU A 179 11.72 22.52 -2.62
N HIS A 180 11.59 22.06 -3.86
CA HIS A 180 12.25 22.68 -4.99
C HIS A 180 11.28 23.64 -5.66
N ASP A 181 11.79 24.83 -5.92
CA ASP A 181 11.00 25.91 -6.50
C ASP A 181 11.46 26.10 -7.95
N PRO A 182 10.69 25.66 -8.94
CA PRO A 182 11.14 25.81 -10.33
C PRO A 182 11.30 27.25 -10.77
N ALA A 183 10.63 28.19 -10.12
CA ALA A 183 10.74 29.56 -10.51
C ALA A 183 12.09 30.19 -10.18
N THR A 184 12.69 29.78 -9.07
CA THR A 184 14.00 30.31 -8.65
C THR A 184 15.16 29.33 -8.81
N GLY A 185 14.85 28.04 -8.98
CA GLY A 185 15.85 26.98 -8.97
C GLY A 185 16.29 26.47 -7.61
N ALA A 186 15.89 27.14 -6.55
CA ALA A 186 16.28 26.75 -5.19
C ALA A 186 15.57 25.50 -4.70
N THR A 187 16.31 24.72 -3.92
CA THR A 187 15.79 23.57 -3.22
C THR A 187 16.08 23.74 -1.76
N VAL A 188 15.01 23.76 -0.96
CA VAL A 188 15.11 23.88 0.48
C VAL A 188 14.45 22.70 1.17
N ASP A 189 14.66 22.60 2.46
CA ASP A 189 14.09 21.50 3.24
C ASP A 189 14.07 21.92 4.71
N TYR A 190 13.04 21.47 5.41
CA TYR A 190 12.91 21.69 6.83
C TYR A 190 13.35 20.43 7.56
N GLY A 191 13.54 20.55 8.87
CA GLY A 191 13.92 19.43 9.69
C GLY A 191 13.66 19.66 11.16
N THR A 192 13.81 18.58 11.93
CA THR A 192 13.65 18.66 13.37
C THR A 192 14.57 17.68 14.07
N CYS A 193 14.49 17.67 15.38
CA CYS A 193 15.24 16.72 16.19
C CYS A 193 14.31 15.95 17.12
N ASN A 194 14.64 14.69 17.36
CA ASN A 194 13.88 13.83 18.24
C ASN A 194 14.83 13.16 19.22
N ILE A 195 14.36 12.88 20.43
CA ILE A 195 15.19 12.22 21.43
C ILE A 195 15.47 10.77 20.99
N ASN A 196 16.71 10.30 21.14
CA ASN A 196 17.03 8.91 20.82
C ASN A 196 16.40 7.98 21.84
N THR A 197 15.88 6.86 21.35
CA THR A 197 15.33 5.82 22.22
C THR A 197 15.93 4.49 21.86
N GLU A 198 15.76 3.52 22.74
CA GLU A 198 16.23 2.17 22.49
C GLU A 198 15.19 1.29 21.78
N ASN A 199 13.99 1.81 21.57
CA ASN A 199 12.85 0.98 21.12
C ASN A 199 12.12 1.54 19.92
N ASP A 200 12.81 2.32 19.12
CA ASP A 200 12.28 2.84 17.86
C ASP A 200 11.09 3.77 18.07
N ALA A 201 11.04 4.45 19.22
CA ALA A 201 9.93 5.34 19.59
C ALA A 201 10.25 6.83 19.45
N GLU A 202 11.25 7.16 18.63
CA GLU A 202 11.71 8.54 18.41
C GLU A 202 10.53 9.43 18.01
N ASN A 203 9.57 8.87 17.29
CA ASN A 203 8.44 9.67 16.82
C ASN A 203 7.53 10.16 17.95
N LEU A 204 7.63 9.55 19.13
CA LEU A 204 6.87 9.98 20.30
C LEU A 204 7.59 11.03 21.14
N VAL A 205 8.83 11.36 20.77
CA VAL A 205 9.63 12.35 21.49
C VAL A 205 10.24 13.40 20.57
N PRO A 206 9.38 14.08 19.80
CA PRO A 206 9.80 15.24 19.01
C PRO A 206 10.09 16.41 19.95
N THR A 207 11.18 17.13 19.67
CA THR A 207 11.66 18.19 20.59
C THR A 207 11.07 19.58 20.41
N GLY A 208 10.46 19.84 19.26
CA GLY A 208 10.02 21.19 18.92
C GLY A 208 11.14 22.10 18.49
N PHE A 209 12.33 21.54 18.23
CA PHE A 209 13.40 22.34 17.63
C PHE A 209 13.41 22.08 16.13
N PHE A 210 13.29 23.14 15.33
CA PHE A 210 13.18 23.04 13.89
C PHE A 210 14.27 23.86 13.18
N PHE A 211 14.47 23.55 11.92
CA PHE A 211 15.42 24.26 11.09
C PHE A 211 15.04 24.15 9.63
N LYS A 212 15.69 24.98 8.83
CA LYS A 212 15.46 25.08 7.40
C LYS A 212 16.79 25.32 6.73
N PHE A 213 17.04 24.58 5.66
CA PHE A 213 18.29 24.71 4.92
C PHE A 213 18.08 24.72 3.42
N ASP A 214 19.02 25.36 2.74
CA ASP A 214 19.11 25.40 1.30
C ASP A 214 20.13 24.34 0.88
N MET A 215 19.68 23.39 0.07
CA MET A 215 20.51 22.29 -0.42
C MET A 215 20.53 22.30 -1.96
N THR A 216 20.58 23.48 -2.55
CA THR A 216 20.57 23.63 -4.02
C THR A 216 21.90 23.18 -4.62
N GLY A 217 21.83 22.37 -5.67
CA GLY A 217 22.98 22.02 -6.47
C GLY A 217 23.75 20.83 -5.91
N ARG A 218 24.71 20.35 -6.70
CA ARG A 218 25.49 19.15 -6.42
C ARG A 218 26.73 19.41 -5.57
N ASP A 219 27.05 20.68 -5.33
CA ASP A 219 28.21 21.07 -4.53
C ASP A 219 27.77 21.40 -3.11
N VAL A 220 27.96 20.46 -2.20
CA VAL A 220 27.46 20.62 -0.84
C VAL A 220 28.17 21.75 -0.08
N SER A 221 29.36 22.17 -0.52
CA SER A 221 30.03 23.30 0.10
C SER A 221 29.20 24.58 0.00
N GLN A 222 28.24 24.62 -0.93
CA GLN A 222 27.39 25.80 -1.10
C GLN A 222 26.08 25.71 -0.34
N TRP A 223 25.80 24.54 0.23
CA TRP A 223 24.58 24.35 1.02
C TRP A 223 24.70 25.19 2.29
N LYS A 224 23.57 25.71 2.75
CA LYS A 224 23.56 26.67 3.86
C LYS A 224 22.33 26.46 4.73
N MET A 225 22.51 26.54 6.04
CA MET A 225 21.40 26.64 6.96
C MET A 225 20.79 28.02 6.85
N LEU A 226 19.47 28.08 6.67
CA LEU A 226 18.73 29.32 6.53
C LEU A 226 18.09 29.84 7.82
N GLU A 227 17.48 28.93 8.56
CA GLU A 227 16.73 29.27 9.76
C GLU A 227 16.81 28.21 10.82
N TYR A 228 16.79 28.67 12.08
CA TYR A 228 16.40 27.85 13.22
C TYR A 228 15.08 28.37 13.72
N ILE A 229 14.16 27.47 14.05
CA ILE A 229 12.81 27.85 14.44
C ILE A 229 12.49 27.16 15.75
N TYR A 230 12.07 27.94 16.74
CA TYR A 230 11.78 27.42 18.07
C TYR A 230 10.75 28.31 18.72
N ASN A 231 9.72 27.70 19.30
CA ASN A 231 8.62 28.44 19.92
C ASN A 231 8.05 29.48 18.94
N ASN A 232 7.91 29.07 17.68
CA ASN A 232 7.33 29.87 16.60
C ASN A 232 8.09 31.16 16.26
N LYS A 233 9.35 31.21 16.65
CA LYS A 233 10.25 32.32 16.35
C LYS A 233 11.33 31.85 15.39
N VAL A 234 11.68 32.73 14.46
CA VAL A 234 12.67 32.45 13.41
C VAL A 234 13.97 33.17 13.71
N TYR A 235 15.07 32.41 13.64
CA TYR A 235 16.42 32.91 13.82
C TYR A 235 17.19 32.62 12.54
N THR A 236 17.99 33.57 12.08
CA THR A 236 18.69 33.40 10.81
C THR A 236 20.14 32.94 10.98
N SER A 237 20.56 32.73 12.22
CA SER A 237 21.86 32.12 12.51
C SER A 237 21.89 31.49 13.90
N ALA A 238 22.80 30.53 14.09
CA ALA A 238 23.11 29.96 15.40
C ALA A 238 23.44 31.03 16.43
N GLU A 239 24.18 32.06 16.01
CA GLU A 239 24.65 33.12 16.91
C GLU A 239 23.45 33.91 17.42
N GLU A 240 22.53 34.24 16.53
CA GLU A 240 21.32 34.99 16.91
C GLU A 240 20.52 34.24 17.97
N LEU A 241 20.34 32.94 17.76
CA LEU A 241 19.55 32.12 18.68
C LEU A 241 20.28 31.99 20.02
N TYR A 242 21.58 31.74 19.96
CA TYR A 242 22.39 31.66 21.17
C TYR A 242 22.28 32.94 22.02
N GLU A 243 22.34 34.10 21.36
CA GLU A 243 22.32 35.40 22.06
C GLU A 243 20.93 35.64 22.66
N ALA A 244 19.89 35.28 21.92
CA ALA A 244 18.51 35.41 22.40
C ALA A 244 18.31 34.58 23.67
N MET A 245 18.93 33.40 23.71
CA MET A 245 18.80 32.48 24.84
C MET A 245 19.44 33.01 26.13
N GLN A 246 20.34 33.99 26.01
CA GLN A 246 21.01 34.60 27.16
C GLN A 246 20.19 35.69 27.86
N LYS A 247 19.21 36.23 27.16
CA LYS A 247 18.36 37.29 27.71
C LYS A 247 17.35 36.75 28.74
N ASP A 248 17.04 37.58 29.74
CA ASP A 248 16.16 37.19 30.83
C ASP A 248 14.74 36.89 30.36
N ASP A 249 14.32 37.53 29.26
CA ASP A 249 12.96 37.34 28.72
C ASP A 249 12.79 36.09 27.82
N PHE A 250 13.83 35.26 27.67
CA PHE A 250 13.73 34.12 26.75
C PHE A 250 12.86 33.02 27.33
N VAL A 251 11.91 32.53 26.52
CA VAL A 251 11.00 31.47 26.92
C VAL A 251 11.51 30.12 26.40
N THR A 252 11.83 29.22 27.32
CA THR A 252 12.12 27.84 27.00
C THR A 252 10.89 27.01 27.28
N LEU A 253 10.41 26.31 26.26
CA LEU A 253 9.23 25.50 26.42
C LEU A 253 9.56 24.23 27.24
N PRO A 254 8.54 23.65 27.88
CA PRO A 254 8.74 22.45 28.69
C PRO A 254 9.46 21.33 27.93
N LYS A 255 10.44 20.73 28.61
CA LYS A 255 11.30 19.71 28.04
C LYS A 255 10.71 18.32 28.28
N ILE A 256 11.03 17.40 27.38
CA ILE A 256 10.63 16.02 27.49
C ILE A 256 11.27 15.41 28.72
N ASP A 257 10.50 14.63 29.48
CA ASP A 257 11.04 13.84 30.58
C ASP A 257 11.63 12.54 30.03
N VAL A 258 12.93 12.61 29.73
CA VAL A 258 13.64 11.49 29.11
C VAL A 258 13.96 10.33 30.06
N ASP A 259 13.72 10.57 31.35
CA ASP A 259 13.94 9.57 32.37
C ASP A 259 12.73 8.66 32.55
N ASN A 260 11.59 9.04 31.97
CA ASN A 260 10.35 8.28 32.18
C ASN A 260 9.66 8.07 30.84
N LEU A 261 10.15 7.07 30.10
CA LEU A 261 9.67 6.78 28.74
C LEU A 261 8.97 5.41 28.65
N ASP A 262 8.57 4.84 29.77
CA ASP A 262 7.91 3.54 29.72
C ASP A 262 6.59 3.57 28.92
N TRP A 263 5.96 4.74 28.86
CA TRP A 263 4.73 4.97 28.08
C TRP A 263 4.94 4.76 26.57
N THR A 264 6.20 4.72 26.11
CA THR A 264 6.49 4.45 24.71
C THR A 264 6.64 2.96 24.38
N VAL A 265 6.65 2.09 25.39
CA VAL A 265 6.96 0.67 25.21
C VAL A 265 5.76 -0.18 24.83
N ILE A 266 5.91 -0.94 23.76
CA ILE A 266 4.80 -1.73 23.22
C ILE A 266 4.54 -3.01 24.00
N GLN A 267 5.58 -3.78 24.24
CA GLN A 267 5.38 -5.14 24.71
C GLN A 267 4.98 -5.19 26.18
N ARG A 268 4.42 -6.33 26.58
CA ARG A 268 3.86 -6.50 27.89
C ARG A 268 4.89 -6.23 28.97
N ASN A 269 4.45 -5.54 30.03
CA ASN A 269 5.19 -5.38 31.28
C ASN A 269 4.95 -6.67 32.08
N ASP A 270 5.94 -7.53 32.25
CA ASP A 270 5.62 -8.81 32.86
C ASP A 270 5.36 -8.69 34.37
N SER A 271 5.42 -7.46 34.91
CA SER A 271 4.94 -7.17 36.27
C SER A 271 3.42 -6.95 36.32
N ALA A 272 2.80 -6.75 35.15
CA ALA A 272 1.37 -6.52 35.07
C ALA A 272 0.57 -7.77 35.46
N PRO A 273 -0.53 -7.58 36.18
CA PRO A 273 -1.42 -8.71 36.47
C PRO A 273 -1.92 -9.35 35.16
N VAL A 274 -2.24 -10.63 35.22
CA VAL A 274 -2.84 -11.33 34.10
C VAL A 274 -4.36 -11.26 34.24
N ARG A 275 -5.02 -10.93 33.13
CA ARG A 275 -6.47 -11.01 33.13
C ARG A 275 -6.92 -12.45 33.38
N HIS A 276 -8.10 -12.57 33.96
CA HIS A 276 -8.69 -13.87 34.26
C HIS A 276 -8.73 -14.75 33.01
N LEU A 277 -8.18 -15.96 33.12
CA LEU A 277 -8.14 -16.94 32.04
C LEU A 277 -7.17 -16.64 30.89
N ASP A 278 -6.41 -15.56 31.01
CA ASP A 278 -5.38 -15.25 30.01
C ASP A 278 -4.14 -16.13 30.20
N ASP A 279 -4.15 -17.04 31.20
CA ASP A 279 -3.17 -18.10 31.35
C ASP A 279 -3.58 -19.37 30.55
N ARG A 280 -4.57 -19.21 29.67
CA ARG A 280 -4.94 -20.22 28.68
C ARG A 280 -4.63 -19.60 27.32
N LYS A 281 -4.11 -20.43 26.42
CA LYS A 281 -3.82 -20.01 25.04
C LYS A 281 -5.08 -19.63 24.32
N SER A 282 -5.03 -18.58 23.51
CA SER A 282 -6.19 -18.19 22.76
C SER A 282 -6.47 -19.16 21.59
N PRO A 283 -7.62 -19.01 20.92
CA PRO A 283 -7.99 -20.04 19.92
C PRO A 283 -7.09 -20.06 18.69
N ARG A 284 -7.09 -21.21 18.04
CA ARG A 284 -6.26 -21.50 16.87
C ARG A 284 -7.18 -22.00 15.76
N LEU A 285 -6.95 -21.53 14.55
CA LEU A 285 -7.46 -22.12 13.34
C LEU A 285 -6.62 -23.37 12.95
N VAL A 286 -7.29 -24.47 12.67
CA VAL A 286 -6.64 -25.68 12.17
C VAL A 286 -7.34 -26.16 10.90
N GLU A 287 -6.61 -27.03 10.19
CA GLU A 287 -7.09 -27.65 8.97
C GLU A 287 -7.19 -29.13 9.21
N PRO A 288 -8.35 -29.62 9.67
CA PRO A 288 -8.40 -31.03 10.10
C PRO A 288 -8.07 -32.03 9.01
N GLU A 289 -8.34 -31.64 7.75
CA GLU A 289 -8.10 -32.53 6.60
C GLU A 289 -7.11 -31.92 5.63
N GLY A 290 -6.27 -31.01 6.12
CA GLY A 290 -5.23 -30.43 5.30
C GLY A 290 -5.69 -29.24 4.48
N ARG A 291 -4.79 -28.77 3.64
CA ARG A 291 -4.88 -27.50 2.94
C ARG A 291 -5.76 -27.64 1.70
N ARG A 292 -6.55 -26.61 1.45
CA ARG A 292 -7.57 -26.63 0.38
C ARG A 292 -7.37 -25.66 -0.80
N TRP A 293 -6.20 -25.01 -0.81
CA TRP A 293 -5.73 -24.21 -1.93
C TRP A 293 -4.45 -24.88 -2.47
N ALA A 294 -4.20 -24.67 -3.75
CA ALA A 294 -3.07 -25.25 -4.47
C ALA A 294 -2.25 -24.15 -5.12
N TYR A 295 -1.04 -24.49 -5.54
CA TYR A 295 -0.17 -23.49 -6.16
C TYR A 295 0.88 -24.15 -7.02
N ASP A 296 1.38 -23.33 -7.95
CA ASP A 296 2.55 -23.65 -8.77
C ASP A 296 3.71 -22.83 -8.20
N GLY A 297 4.67 -23.47 -7.59
CA GLY A 297 5.71 -22.76 -6.87
C GLY A 297 6.61 -21.91 -7.76
N ASP A 298 6.89 -22.42 -8.95
CA ASP A 298 7.77 -21.71 -9.90
C ASP A 298 7.06 -20.51 -10.54
N GLU A 299 5.75 -20.62 -10.74
CA GLU A 299 5.01 -19.58 -11.44
C GLU A 299 4.23 -18.65 -10.53
N GLU A 300 4.22 -18.93 -9.24
CA GLU A 300 3.43 -18.16 -8.28
C GLU A 300 1.98 -17.97 -8.81
N TYR A 301 1.42 -19.11 -9.19
CA TYR A 301 0.03 -19.23 -9.60
C TYR A 301 -0.71 -19.98 -8.51
N PHE A 302 -1.88 -19.48 -8.13
CA PHE A 302 -2.65 -20.00 -7.00
C PHE A 302 -4.07 -20.36 -7.46
N SER A 303 -4.58 -21.47 -6.95
CA SER A 303 -5.96 -21.90 -7.18
C SER A 303 -6.65 -22.23 -5.85
N TRP A 304 -7.91 -21.81 -5.78
CA TRP A 304 -8.74 -22.09 -4.64
C TRP A 304 -10.21 -22.00 -5.05
N MET A 305 -10.94 -23.11 -4.90
CA MET A 305 -12.41 -23.07 -5.05
C MET A 305 -12.85 -22.29 -6.29
N ASP A 306 -12.23 -22.63 -7.43
CA ASP A 306 -12.52 -22.10 -8.76
C ASP A 306 -11.95 -20.72 -9.04
N TRP A 307 -11.21 -20.15 -8.10
CA TRP A 307 -10.41 -18.95 -8.35
C TRP A 307 -9.01 -19.36 -8.84
N GLY A 308 -8.45 -18.50 -9.68
CA GLY A 308 -7.07 -18.62 -10.07
C GLY A 308 -6.46 -17.22 -10.25
N PHE A 309 -5.16 -17.09 -10.02
CA PHE A 309 -4.45 -15.83 -10.23
C PHE A 309 -2.95 -16.05 -10.11
N TYR A 310 -2.20 -15.10 -10.67
CA TYR A 310 -0.77 -15.01 -10.49
C TYR A 310 -0.44 -13.85 -9.61
N THR A 311 0.63 -13.99 -8.83
CA THR A 311 1.16 -12.85 -8.07
C THR A 311 2.50 -12.38 -8.64
N SER A 312 2.77 -11.12 -8.39
CA SER A 312 4.02 -10.48 -8.76
C SER A 312 4.42 -9.57 -7.64
N TRP A 313 5.72 -9.29 -7.54
CA TRP A 313 6.28 -8.46 -6.46
C TRP A 313 7.19 -7.40 -7.01
N SER A 314 7.03 -6.16 -6.52
CA SER A 314 7.93 -5.07 -6.85
C SER A 314 8.45 -4.39 -5.61
N ARG A 315 9.63 -3.80 -5.75
CA ARG A 315 10.21 -2.99 -4.70
C ARG A 315 9.30 -1.80 -4.35
N ASP A 316 8.73 -1.16 -5.35
CA ASP A 316 7.93 0.03 -5.09
C ASP A 316 6.68 -0.28 -4.26
N THR A 317 5.96 -1.33 -4.64
CA THR A 317 4.57 -1.45 -4.16
C THR A 317 4.31 -2.76 -3.42
N GLY A 318 5.19 -3.76 -3.44
CA GLY A 318 4.86 -5.04 -2.89
C GLY A 318 4.13 -5.92 -3.89
N ILE A 319 3.03 -6.54 -3.45
CA ILE A 319 2.37 -7.56 -4.25
C ILE A 319 1.38 -6.95 -5.23
N SER A 320 1.25 -7.60 -6.38
CA SER A 320 0.22 -7.31 -7.38
C SER A 320 -0.36 -8.67 -7.81
N PHE A 321 -1.55 -8.60 -8.40
CA PHE A 321 -2.27 -9.77 -8.88
C PHE A 321 -2.58 -9.59 -10.37
N TYR A 322 -2.41 -10.67 -11.14
CA TYR A 322 -2.70 -10.64 -12.55
C TYR A 322 -3.56 -11.84 -12.94
N ASP A 323 -4.40 -11.61 -13.95
CA ASP A 323 -5.23 -12.70 -14.51
C ASP A 323 -6.08 -13.38 -13.46
N ILE A 324 -6.82 -12.58 -12.72
CA ILE A 324 -7.71 -13.11 -11.68
C ILE A 324 -8.93 -13.69 -12.36
N THR A 325 -9.08 -15.00 -12.24
CA THR A 325 -10.20 -15.72 -12.84
C THR A 325 -11.09 -16.36 -11.78
N PHE A 326 -12.37 -16.47 -12.12
CA PHE A 326 -13.32 -17.20 -11.28
C PHE A 326 -14.18 -18.06 -12.20
N LYS A 327 -14.28 -19.33 -11.88
CA LYS A 327 -15.00 -20.31 -12.72
C LYS A 327 -14.61 -20.20 -14.18
N GLY A 328 -13.32 -20.05 -14.42
CA GLY A 328 -12.77 -20.13 -15.77
C GLY A 328 -12.84 -18.85 -16.61
N GLU A 329 -13.31 -17.75 -16.01
CA GLU A 329 -13.37 -16.50 -16.72
C GLU A 329 -12.57 -15.43 -15.98
N ARG A 330 -11.76 -14.67 -16.72
CA ARG A 330 -11.07 -13.54 -16.13
C ARG A 330 -12.08 -12.47 -15.74
N ILE A 331 -11.99 -12.02 -14.50
CA ILE A 331 -12.71 -10.84 -14.04
C ILE A 331 -11.83 -9.61 -13.87
N VAL A 332 -10.54 -9.81 -13.56
CA VAL A 332 -9.63 -8.67 -13.35
C VAL A 332 -8.28 -9.01 -14.02
N TYR A 333 -7.87 -8.15 -14.95
CA TYR A 333 -6.58 -8.33 -15.59
C TYR A 333 -5.43 -8.02 -14.63
N GLU A 334 -5.54 -6.89 -13.94
CA GLU A 334 -4.53 -6.41 -13.00
C GLU A 334 -5.20 -5.80 -11.80
N LEU A 335 -4.75 -6.21 -10.62
CA LEU A 335 -5.14 -5.55 -9.37
C LEU A 335 -3.83 -5.18 -8.69
N SER A 336 -3.57 -3.91 -8.48
CA SER A 336 -2.27 -3.54 -7.95
C SER A 336 -2.38 -2.25 -7.13
N LEU A 337 -1.96 -2.34 -5.87
CA LEU A 337 -1.72 -1.14 -5.08
C LEU A 337 -0.71 -0.27 -5.84
N GLN A 338 -0.99 1.03 -5.86
CA GLN A 338 -0.20 1.98 -6.63
C GLN A 338 0.63 2.94 -5.79
N GLU A 339 0.09 3.36 -4.67
CA GLU A 339 0.68 4.45 -3.87
C GLU A 339 -0.01 4.51 -2.55
N LEU A 340 0.73 4.96 -1.56
CA LEU A 340 0.21 5.26 -0.23
C LEU A 340 0.83 6.56 0.22
N ILE A 341 0.01 7.51 0.63
CA ILE A 341 0.47 8.82 1.10
C ILE A 341 0.11 9.00 2.57
N ALA A 342 0.91 9.80 3.24
CA ALA A 342 0.62 10.22 4.59
C ALA A 342 0.89 11.70 4.65
N GLU A 343 -0.19 12.50 4.74
CA GLU A 343 -0.11 13.92 4.60
C GLU A 343 -0.55 14.59 5.91
N TYR A 344 0.37 15.31 6.54
CA TYR A 344 0.18 15.87 7.89
C TYR A 344 -0.24 17.31 7.85
N GLY A 345 -1.08 17.70 8.81
CA GLY A 345 -1.40 19.10 9.06
C GLY A 345 -0.87 19.50 10.42
N SER A 346 -0.28 20.68 10.54
CA SER A 346 0.37 21.03 11.80
C SER A 346 0.63 22.52 11.91
N ASP A 347 0.86 22.95 13.13
CA ASP A 347 1.35 24.28 13.39
C ASP A 347 2.84 24.40 13.16
N ASP A 348 3.56 23.28 13.07
CA ASP A 348 5.02 23.29 13.06
C ASP A 348 5.59 22.98 11.69
N PRO A 349 6.80 23.45 11.41
CA PRO A 349 7.34 23.35 10.04
C PRO A 349 7.92 21.98 9.69
N PHE A 350 7.89 21.01 10.60
CA PHE A 350 8.23 19.65 10.23
C PHE A 350 7.00 18.90 9.78
N ASN A 351 6.03 18.77 10.67
CA ASN A 351 4.83 18.00 10.33
C ASN A 351 4.04 18.68 9.22
N GLN A 352 3.99 20.02 9.18
CA GLN A 352 3.22 20.68 8.14
C GLN A 352 3.84 20.46 6.74
N HIS A 353 5.14 20.13 6.69
CA HIS A 353 5.85 19.83 5.46
C HIS A 353 6.04 18.33 5.20
N THR A 354 5.27 17.50 5.91
CA THR A 354 5.36 16.07 5.70
C THR A 354 4.22 15.60 4.81
N PHE A 355 4.59 15.07 3.64
CA PHE A 355 3.64 14.48 2.69
C PHE A 355 4.35 13.31 2.06
N TYR A 356 4.43 12.22 2.80
CA TYR A 356 5.16 11.05 2.34
C TYR A 356 4.50 10.39 1.12
N SER A 357 5.36 9.95 0.21
CA SER A 357 5.04 8.94 -0.80
C SER A 357 5.72 7.65 -0.39
N ASP A 358 4.95 6.67 0.05
CA ASP A 358 5.56 5.46 0.58
C ASP A 358 6.19 4.59 -0.50
N ILE A 359 5.75 4.75 -1.76
CA ILE A 359 6.45 3.99 -2.81
C ILE A 359 7.83 4.59 -3.14
N SER A 360 8.05 5.88 -2.84
CA SER A 360 9.40 6.40 -2.98
C SER A 360 10.37 5.70 -2.03
N TYR A 361 9.94 5.43 -0.81
CA TYR A 361 10.75 4.69 0.17
C TYR A 361 10.79 3.21 -0.19
N GLY A 362 9.70 2.70 -0.74
CA GLY A 362 9.54 1.31 -1.10
C GLY A 362 8.60 0.62 -0.12
N VAL A 363 7.54 -0.01 -0.66
CA VAL A 363 6.63 -0.82 0.14
C VAL A 363 7.05 -2.31 0.10
N GLY A 364 7.78 -2.70 -0.96
CA GLY A 364 8.16 -4.10 -1.19
C GLY A 364 9.57 -4.48 -0.79
N ASN A 365 10.23 -3.61 -0.03
CA ASN A 365 11.61 -3.84 0.39
C ASN A 365 11.77 -3.85 1.90
N ARG A 366 10.78 -4.45 2.58
CA ARG A 366 10.72 -4.43 4.04
C ARG A 366 10.97 -5.81 4.62
N PHE A 367 10.19 -6.22 5.62
CA PHE A 367 10.58 -7.33 6.49
C PHE A 367 9.71 -8.56 6.27
N SER A 368 10.16 -9.68 6.80
CA SER A 368 9.41 -10.94 6.80
C SER A 368 8.19 -10.85 7.74
N LEU A 369 7.21 -11.71 7.46
CA LEU A 369 6.05 -11.95 8.34
C LEU A 369 6.48 -12.84 9.52
N VAL A 370 5.87 -12.57 10.68
CA VAL A 370 6.09 -13.37 11.90
C VAL A 370 5.10 -14.51 11.91
N PRO A 371 5.57 -15.74 11.75
CA PRO A 371 4.67 -16.89 11.74
C PRO A 371 3.79 -16.97 12.98
N GLY A 372 2.56 -17.44 12.81
CA GLY A 372 1.62 -17.66 13.88
C GLY A 372 0.90 -16.41 14.34
N TYR A 373 1.53 -15.25 14.19
CA TYR A 373 1.01 -13.99 14.70
C TYR A 373 0.54 -13.08 13.58
N ASP A 374 1.41 -12.85 12.61
CA ASP A 374 1.04 -12.02 11.48
C ASP A 374 0.05 -12.74 10.54
N CYS A 375 0.19 -14.05 10.43
CA CYS A 375 -0.70 -14.92 9.68
C CYS A 375 -1.00 -16.12 10.55
N PRO A 376 -2.15 -16.76 10.37
CA PRO A 376 -2.40 -18.02 11.10
C PRO A 376 -1.36 -19.08 10.80
N SER A 377 -1.26 -20.00 11.75
CA SER A 377 -0.29 -21.09 11.70
C SER A 377 -0.49 -22.03 10.48
N THR A 378 -1.68 -22.00 9.88
CA THR A 378 -1.99 -22.81 8.69
C THR A 378 -1.55 -22.13 7.39
N ALA A 379 -0.97 -20.95 7.48
CA ALA A 379 -0.57 -20.21 6.28
C ALA A 379 0.61 -20.89 5.59
N GLY A 380 0.67 -20.73 4.27
CA GLY A 380 1.87 -20.99 3.52
C GLY A 380 2.55 -19.66 3.18
N TYR A 381 3.89 -19.71 3.12
CA TYR A 381 4.70 -18.52 2.92
C TYR A 381 5.50 -18.57 1.63
N PHE A 382 5.70 -17.39 1.05
CA PHE A 382 6.35 -17.25 -0.26
C PHE A 382 7.47 -16.23 -0.25
N THR A 383 8.51 -16.56 -1.00
CA THR A 383 9.72 -15.77 -1.11
C THR A 383 9.62 -14.90 -2.37
N THR A 384 10.02 -13.65 -2.23
CA THR A 384 10.09 -12.70 -3.32
C THR A 384 11.47 -12.03 -3.31
N ASP A 385 11.71 -11.15 -4.27
CA ASP A 385 13.03 -10.52 -4.36
C ASP A 385 12.93 -9.15 -4.95
N THR A 386 13.96 -8.35 -4.66
CA THR A 386 14.14 -7.03 -5.22
C THR A 386 15.63 -6.84 -5.52
N PHE A 387 15.94 -5.76 -6.20
CA PHE A 387 17.33 -5.32 -6.42
C PHE A 387 17.45 -3.84 -6.13
N GLU A 388 18.40 -3.48 -5.27
CA GLU A 388 18.69 -2.05 -5.06
C GLU A 388 20.18 -1.86 -4.80
N TYR A 389 20.77 -0.87 -5.45
CA TYR A 389 22.11 -0.39 -5.10
C TYR A 389 23.08 -1.55 -4.97
N ASP A 390 23.21 -2.28 -6.06
CA ASP A 390 24.24 -3.31 -6.22
C ASP A 390 23.96 -4.66 -5.54
N GLU A 391 22.81 -4.81 -4.85
CA GLU A 391 22.50 -6.03 -4.15
C GLU A 391 21.12 -6.61 -4.50
N PHE A 392 21.10 -7.92 -4.74
CA PHE A 392 19.88 -8.68 -4.90
C PHE A 392 19.43 -9.13 -3.52
N TYR A 393 18.17 -8.83 -3.18
CA TYR A 393 17.59 -9.14 -1.87
C TYR A 393 16.57 -10.28 -2.04
N ASN A 394 16.77 -11.37 -1.33
CA ASN A 394 15.84 -12.47 -1.28
C ASN A 394 15.08 -12.34 0.03
N ARG A 395 13.77 -12.28 -0.03
CA ARG A 395 12.94 -12.10 1.16
C ARG A 395 12.03 -13.27 1.37
N THR A 396 12.39 -14.12 2.32
CA THR A 396 11.54 -15.23 2.69
C THR A 396 10.42 -14.68 3.56
N LEU A 397 9.36 -15.46 3.65
CA LEU A 397 8.19 -15.11 4.43
C LEU A 397 7.66 -13.71 4.03
N SER A 398 7.70 -13.43 2.72
CA SER A 398 7.33 -12.14 2.19
C SER A 398 5.82 -11.91 2.09
N TYR A 399 5.10 -12.94 1.70
CA TYR A 399 3.65 -12.92 1.75
C TYR A 399 3.16 -14.27 2.17
N CYS A 400 1.94 -14.31 2.69
CA CYS A 400 1.35 -15.57 3.13
C CYS A 400 0.00 -15.78 2.49
N VAL A 401 -0.38 -17.04 2.41
CA VAL A 401 -1.64 -17.48 1.88
C VAL A 401 -2.30 -18.42 2.87
N PHE A 402 -3.54 -18.17 3.23
CA PHE A 402 -4.26 -19.01 4.16
C PHE A 402 -5.74 -19.03 3.91
N GLU A 403 -6.37 -20.14 4.30
CA GLU A 403 -7.81 -20.26 4.26
C GLU A 403 -8.37 -19.95 5.66
N ASN A 404 -9.22 -18.93 5.74
CA ASN A 404 -9.90 -18.62 6.99
C ASN A 404 -11.26 -19.30 7.03
N GLN A 405 -11.78 -19.51 8.25
CA GLN A 405 -13.21 -19.78 8.45
C GLN A 405 -13.75 -18.50 9.03
N GLU A 406 -14.55 -17.78 8.26
CA GLU A 406 -15.10 -16.55 8.77
C GLU A 406 -16.07 -16.84 9.92
N ASP A 407 -16.28 -15.83 10.79
CA ASP A 407 -17.04 -16.00 12.01
C ASP A 407 -18.57 -16.01 11.82
N TYR A 408 -19.00 -15.94 10.58
CA TYR A 408 -20.42 -15.96 10.20
C TYR A 408 -20.53 -16.84 8.94
N SER A 409 -21.66 -17.51 8.82
CA SER A 409 -21.90 -18.33 7.64
C SER A 409 -22.10 -17.49 6.37
N LEU A 410 -21.89 -18.08 5.21
CA LEU A 410 -22.04 -17.30 3.97
C LEU A 410 -23.50 -16.97 3.70
N LEU A 411 -24.38 -17.93 3.99
CA LEU A 411 -25.82 -17.71 3.88
C LEU A 411 -26.54 -18.77 4.72
N ARG A 412 -27.83 -18.55 4.93
CA ARG A 412 -28.66 -19.57 5.54
C ARG A 412 -30.12 -19.28 5.27
N HIS A 413 -30.94 -20.32 5.50
CA HIS A 413 -32.36 -20.10 5.71
C HIS A 413 -32.97 -21.24 6.52
N THR A 414 -33.92 -20.88 7.37
CA THR A 414 -34.78 -21.85 8.06
C THR A 414 -36.21 -21.60 7.62
N GLY A 415 -36.85 -22.67 7.15
CA GLY A 415 -38.29 -22.61 6.93
CA GLY A 415 -38.23 -22.60 6.70
C GLY A 415 -38.79 -23.91 6.41
C GLY A 415 -39.04 -23.52 7.56
N ALA A 416 -40.10 -24.08 6.42
N ALA A 416 -40.23 -23.88 7.08
CA ALA A 416 -40.75 -25.23 5.78
CA ALA A 416 -41.19 -24.67 7.84
C ALA A 416 -40.10 -26.55 6.19
C ALA A 416 -40.59 -25.95 8.41
N SER A 417 -39.78 -26.67 7.49
N SER A 417 -39.78 -26.64 7.62
CA SER A 417 -39.22 -27.90 8.09
C SER A 417 -37.79 -28.24 7.63
N TYR A 418 -37.02 -27.24 7.23
CA TYR A 418 -35.59 -27.44 6.96
C TYR A 418 -34.77 -26.26 7.42
N SER A 419 -33.46 -26.52 7.62
CA SER A 419 -32.50 -25.44 7.73
C SER A 419 -31.35 -25.72 6.80
N ALA A 420 -30.98 -24.72 6.03
CA ALA A 420 -29.91 -24.84 5.05
C ALA A 420 -28.89 -23.76 5.37
N ILE A 421 -27.66 -24.14 5.68
CA ILE A 421 -26.60 -23.19 6.04
C ILE A 421 -25.33 -23.52 5.24
N THR A 422 -24.70 -22.49 4.71
CA THR A 422 -23.45 -22.62 3.99
C THR A 422 -22.36 -21.94 4.77
N GLN A 423 -21.27 -22.64 5.01
CA GLN A 423 -20.09 -22.09 5.67
C GLN A 423 -19.40 -21.06 4.78
N ASN A 424 -18.49 -20.31 5.39
CA ASN A 424 -17.83 -19.19 4.73
C ASN A 424 -16.29 -19.26 4.87
N PRO A 425 -15.69 -20.26 4.25
CA PRO A 425 -14.24 -20.28 4.10
C PRO A 425 -13.80 -19.29 3.05
N THR A 426 -12.69 -18.62 3.29
CA THR A 426 -12.15 -17.61 2.37
C THR A 426 -10.66 -17.85 2.14
N LEU A 427 -10.21 -17.58 0.93
CA LEU A 427 -8.77 -17.52 0.67
C LEU A 427 -8.27 -16.12 1.02
N ASN A 428 -7.10 -16.05 1.63
CA ASN A 428 -6.53 -14.81 2.12
C ASN A 428 -5.08 -14.73 1.72
N VAL A 429 -4.73 -13.58 1.12
CA VAL A 429 -3.34 -13.27 0.76
C VAL A 429 -2.98 -12.00 1.51
N ARG A 430 -1.94 -12.10 2.36
CA ARG A 430 -1.48 -10.96 3.14
C ARG A 430 0.00 -10.66 2.95
N PHE A 431 0.33 -9.37 2.97
CA PHE A 431 1.70 -9.00 3.32
C PHE A 431 1.63 -7.77 4.21
N ILE A 432 2.72 -7.54 4.94
CA ILE A 432 2.80 -6.42 5.85
C ILE A 432 4.07 -5.64 5.53
N SER A 433 3.93 -4.36 5.30
CA SER A 433 5.03 -3.46 5.07
C SER A 433 5.21 -2.51 6.24
N THR A 434 6.32 -2.71 6.97
CA THR A 434 6.70 -1.80 8.03
C THR A 434 7.68 -0.81 7.43
N ILE A 435 7.23 0.43 7.27
CA ILE A 435 8.00 1.50 6.66
C ILE A 435 8.30 2.51 7.74
N GLY A 436 9.49 2.38 8.32
CA GLY A 436 9.83 3.19 9.49
C GLY A 436 8.86 2.93 10.63
N ASN A 437 8.15 3.96 11.02
CA ASN A 437 7.22 3.92 12.15
C ASN A 437 5.88 3.19 11.87
N TPQ A 438 5.47 3.16 10.60
CA TPQ A 438 4.16 2.63 10.22
CA TPQ A 438 4.16 2.63 10.23
CB TPQ A 438 3.57 3.38 9.02
C TPQ A 438 4.23 1.16 9.85
C TPQ A 438 4.21 1.15 9.88
O TPQ A 438 5.17 0.74 9.18
O TPQ A 438 5.16 0.68 9.30
C1 TPQ A 438 2.58 4.29 9.76
C1 TPQ A 438 3.83 4.87 9.04
C2 TPQ A 438 2.80 5.77 9.87
C2 TPQ A 438 2.94 5.83 9.78
O2 TPQ A 438 3.80 6.29 9.33
O2 TPQ A 438 1.95 5.39 10.41
C3 TPQ A 438 1.84 6.65 10.62
C3 TPQ A 438 3.20 7.31 9.76
C4 TPQ A 438 0.72 6.07 11.25
C4 TPQ A 438 4.30 7.81 9.04
O4 TPQ A 438 -0.12 6.71 11.87
O4 TPQ A 438 4.60 9.00 8.98
C5 TPQ A 438 0.48 4.62 11.14
C5 TPQ A 438 5.19 6.88 8.31
O5 TPQ A 438 -0.53 4.14 11.70
O5 TPQ A 438 6.17 7.36 7.69
C6 TPQ A 438 1.44 3.76 10.38
C6 TPQ A 438 4.91 5.41 8.34
H TPQ A 438 6.06 3.51 9.86
HA TPQ A 438 3.46 2.75 11.06
HA TPQ A 438 3.46 2.77 11.07
HB2 TPQ A 438 4.20 3.19 8.14
HB3 TPQ A 438 2.57 3.00 8.82
N ASP A 439 3.21 0.42 10.24
N ASP A 439 3.13 0.45 10.22
CA ASP A 439 3.04 -0.97 9.83
CA ASP A 439 3.00 -0.94 9.82
C ASP A 439 1.73 -1.06 9.09
C ASP A 439 1.70 -1.08 9.03
N TYR A 440 1.81 -1.40 7.82
N TYR A 440 1.82 -1.30 7.73
CA TYR A 440 0.63 -1.51 6.96
CA TYR A 440 0.65 -1.48 6.88
C TYR A 440 0.37 -2.96 6.65
C TYR A 440 0.34 -2.97 6.73
N ASN A 441 -0.87 -3.38 6.90
N ASN A 441 -0.93 -3.31 6.86
CA ASN A 441 -1.29 -4.76 6.80
CA ASN A 441 -1.35 -4.71 6.80
C ASN A 441 -2.28 -4.86 5.66
C ASN A 441 -2.33 -4.87 5.66
N PHE A 442 -1.88 -5.54 4.58
N PHE A 442 -1.87 -5.47 4.56
CA PHE A 442 -2.67 -5.63 3.35
CA PHE A 442 -2.66 -5.61 3.35
C PHE A 442 -3.27 -7.01 3.25
N LEU A 443 -4.57 -7.08 2.98
CA LEU A 443 -5.27 -8.35 2.88
C LEU A 443 -6.16 -8.36 1.63
N TYR A 444 -6.14 -9.49 0.94
CA TYR A 444 -6.97 -9.79 -0.21
C TYR A 444 -7.72 -11.09 0.16
N LYS A 445 -9.06 -11.00 0.19
CA LYS A 445 -9.91 -12.06 0.72
C LYS A 445 -10.93 -12.46 -0.35
N PHE A 446 -10.89 -13.71 -0.75
CA PHE A 446 -11.69 -14.26 -1.82
C PHE A 446 -12.79 -15.18 -1.26
N PHE A 447 -14.01 -15.02 -1.78
CA PHE A 447 -15.19 -15.73 -1.28
C PHE A 447 -15.72 -16.74 -2.29
N LEU A 448 -16.52 -17.68 -1.81
CA LEU A 448 -16.98 -18.81 -2.64
C LEU A 448 -17.91 -18.33 -3.82
N ASP A 449 -18.56 -17.19 -3.72
CA ASP A 449 -19.51 -16.77 -4.73
C ASP A 449 -18.86 -16.01 -5.89
N GLY A 450 -17.58 -15.64 -5.75
CA GLY A 450 -16.93 -14.78 -6.72
C GLY A 450 -16.68 -13.33 -6.25
N THR A 451 -16.93 -13.06 -4.95
CA THR A 451 -16.62 -11.73 -4.38
C THR A 451 -15.18 -11.70 -3.92
N LEU A 452 -14.52 -10.58 -4.04
CA LEU A 452 -13.19 -10.32 -3.51
C LEU A 452 -13.25 -9.05 -2.67
N GLU A 453 -12.58 -9.06 -1.52
CA GLU A 453 -12.48 -7.90 -0.67
C GLU A 453 -10.99 -7.52 -0.54
N VAL A 454 -10.74 -6.23 -0.76
CA VAL A 454 -9.43 -5.62 -0.68
C VAL A 454 -9.44 -4.75 0.59
N SER A 455 -8.46 -4.95 1.48
CA SER A 455 -8.45 -4.14 2.68
C SER A 455 -7.04 -3.78 3.13
N VAL A 456 -6.99 -2.75 3.95
CA VAL A 456 -5.77 -2.34 4.61
C VAL A 456 -6.09 -2.00 6.06
N ARG A 457 -5.14 -2.29 6.95
CA ARG A 457 -5.18 -1.82 8.33
C ARG A 457 -3.81 -1.22 8.65
N ALA A 458 -3.77 -0.20 9.49
CA ALA A 458 -2.51 0.43 9.88
C ALA A 458 -2.25 0.26 11.40
N ALA A 459 -1.01 0.19 11.77
CA ALA A 459 -0.62 0.13 13.18
C ALA A 459 0.76 0.81 13.23
N GLY A 460 1.38 0.72 14.37
CA GLY A 460 2.73 1.16 14.56
C GLY A 460 2.73 2.47 15.33
N TYR A 461 3.88 3.15 15.30
CA TYR A 461 4.03 4.43 15.99
C TYR A 461 3.55 5.55 15.11
N ILE A 462 2.81 6.45 15.73
CA ILE A 462 2.43 7.66 15.03
C ILE A 462 3.60 8.65 14.88
N GLN A 463 3.54 9.52 13.88
CA GLN A 463 4.41 10.67 13.81
C GLN A 463 3.70 11.79 14.55
N ALA A 464 3.98 11.87 15.83
CA ALA A 464 3.44 12.90 16.67
C ALA A 464 4.21 14.20 16.47
N GLY A 465 3.76 15.25 17.15
CA GLY A 465 4.47 16.50 17.14
C GLY A 465 4.65 17.10 18.52
N TYR A 466 5.54 18.07 18.65
CA TYR A 466 5.68 18.76 19.93
C TYR A 466 4.40 19.60 20.19
N TRP A 467 3.89 19.51 21.41
CA TRP A 467 2.71 20.26 21.83
C TRP A 467 3.09 21.64 22.34
N ASN A 468 2.78 22.65 21.55
CA ASN A 468 2.91 24.03 21.98
C ASN A 468 1.52 24.55 22.28
N PRO A 469 1.20 24.85 23.55
CA PRO A 469 -0.17 25.24 23.89
C PRO A 469 -0.69 26.44 23.09
N GLU A 470 0.20 27.34 22.67
CA GLU A 470 -0.22 28.54 21.95
C GLU A 470 -0.72 28.28 20.53
N THR A 471 -0.21 27.22 19.88
CA THR A 471 -0.48 27.06 18.45
C THR A 471 -0.90 25.66 18.01
N SER A 472 -0.74 24.65 18.85
CA SER A 472 -0.89 23.27 18.42
C SER A 472 -2.33 22.74 18.39
N ALA A 473 -3.23 23.36 19.14
CA ALA A 473 -4.57 22.79 19.34
C ALA A 473 -5.42 22.62 18.07
N PRO A 474 -5.32 23.48 17.06
CA PRO A 474 -6.07 23.24 15.82
C PRO A 474 -5.63 22.01 15.04
N TYR A 475 -4.52 21.40 15.43
CA TYR A 475 -3.89 20.40 14.59
C TYR A 475 -3.66 19.06 15.26
N GLY A 476 -4.17 18.89 16.47
CA GLY A 476 -3.96 17.63 17.17
C GLY A 476 -4.38 17.75 18.61
N LEU A 477 -4.55 16.60 19.26
CA LEU A 477 -4.85 16.51 20.66
C LEU A 477 -3.58 16.37 21.47
N LYS A 478 -3.58 16.94 22.67
CA LYS A 478 -2.48 16.72 23.61
C LYS A 478 -2.63 15.34 24.22
N ILE A 479 -1.73 14.45 23.84
CA ILE A 479 -1.83 13.03 24.24
C ILE A 479 -0.71 12.60 25.18
N HIS A 480 0.25 13.49 25.44
CA HIS A 480 1.20 13.23 26.52
C HIS A 480 1.71 14.62 26.95
N ASP A 481 2.56 14.68 27.98
CA ASP A 481 2.85 15.95 28.63
C ASP A 481 3.26 17.04 27.66
N VAL A 482 4.10 16.72 26.67
CA VAL A 482 4.50 17.69 25.65
C VAL A 482 4.34 17.14 24.24
N LEU A 483 3.29 16.35 24.05
CA LEU A 483 3.09 15.62 22.80
C LEU A 483 1.71 15.87 22.22
N SER A 484 1.68 16.24 20.94
CA SER A 484 0.46 16.29 20.15
C SER A 484 0.32 15.07 19.26
N GLY A 485 -0.89 14.54 19.15
CA GLY A 485 -1.22 13.57 18.10
CA GLY A 485 -1.12 13.34 18.35
C GLY A 485 -1.51 14.24 16.75
C GLY A 485 -0.97 13.66 16.89
N SER A 486 -0.46 14.57 16.04
N SER A 486 -1.01 14.96 16.59
CA SER A 486 -0.61 15.32 14.80
CA SER A 486 -0.96 15.50 15.23
C SER A 486 -1.60 14.70 13.80
C SER A 486 -2.22 15.04 14.50
N PHE A 487 -2.47 15.52 13.31
N PHE A 487 -2.31 15.34 13.21
CA PHE A 487 -3.51 15.11 12.40
C PHE A 487 -3.01 14.81 10.98
N HIS A 488 -3.40 13.67 10.42
CA HIS A 488 -2.92 13.31 9.09
C HIS A 488 -3.93 12.46 8.36
N ASP A 489 -3.84 12.50 7.03
CA ASP A 489 -4.57 11.60 6.17
C ASP A 489 -3.65 10.50 5.65
N HIS A 490 -4.12 9.27 5.72
CA HIS A 490 -3.59 8.14 4.95
C HIS A 490 -4.50 7.98 3.74
N VAL A 491 -3.95 7.88 2.53
CA VAL A 491 -4.75 7.57 1.35
C VAL A 491 -3.96 6.59 0.49
N LEU A 492 -4.63 5.58 -0.02
CA LEU A 492 -4.03 4.47 -0.78
C LEU A 492 -4.80 4.38 -2.09
N ASN A 493 -4.09 4.21 -3.21
CA ASN A 493 -4.67 4.06 -4.54
C ASN A 493 -4.46 2.64 -5.02
N TYR A 494 -5.55 2.04 -5.51
CA TYR A 494 -5.49 0.73 -6.15
C TYR A 494 -5.92 0.84 -7.61
N LYS A 495 -5.11 0.24 -8.49
CA LYS A 495 -5.48 0.06 -9.89
C LYS A 495 -6.30 -1.22 -10.00
N VAL A 496 -7.56 -1.10 -10.36
CA VAL A 496 -8.48 -2.22 -10.42
C VAL A 496 -8.94 -2.34 -11.87
N ASP A 497 -8.22 -3.12 -12.64
CA ASP A 497 -8.51 -3.27 -14.06
C ASP A 497 -9.46 -4.44 -14.23
N LEU A 498 -10.71 -4.19 -13.89
CA LEU A 498 -11.82 -5.11 -14.11
C LEU A 498 -11.99 -5.25 -15.62
N ASP A 499 -12.22 -6.47 -16.07
CA ASP A 499 -12.56 -6.78 -17.46
C ASP A 499 -13.77 -7.73 -17.36
N VAL A 500 -14.94 -7.18 -17.18
CA VAL A 500 -16.12 -7.98 -16.92
C VAL A 500 -16.73 -8.49 -18.22
N GLY A 501 -16.70 -9.79 -18.40
CA GLY A 501 -17.20 -10.36 -19.63
CA GLY A 501 -17.17 -10.42 -19.63
C GLY A 501 -16.49 -9.75 -20.83
C GLY A 501 -16.24 -10.28 -20.84
N GLY A 502 -15.15 -9.78 -20.75
N GLY A 502 -15.09 -9.66 -20.64
CA GLY A 502 -14.24 -9.24 -21.74
C GLY A 502 -13.70 -7.86 -21.40
N THR A 503 -12.82 -7.33 -22.23
CA THR A 503 -12.31 -5.98 -21.98
C THR A 503 -13.30 -4.87 -22.22
N LYS A 504 -14.16 -5.03 -23.22
CA LYS A 504 -15.03 -3.94 -23.65
C LYS A 504 -16.18 -3.83 -22.65
N ASN A 505 -16.18 -2.74 -21.89
CA ASN A 505 -17.07 -2.57 -20.76
C ASN A 505 -17.73 -1.19 -20.79
N ARG A 506 -18.68 -1.01 -19.86
CA ARG A 506 -19.33 0.27 -19.59
C ARG A 506 -19.34 0.41 -18.08
N ALA A 507 -19.26 1.62 -17.58
CA ALA A 507 -19.42 1.88 -16.17
C ALA A 507 -20.75 2.58 -15.99
N SER A 508 -21.50 2.14 -14.99
CA SER A 508 -22.83 2.67 -14.75
C SER A 508 -23.08 2.81 -13.28
N GLN A 509 -24.09 3.59 -12.94
CA GLN A 509 -24.57 3.65 -11.58
C GLN A 509 -26.09 3.52 -11.57
N TYR A 510 -26.60 2.75 -10.62
CA TYR A 510 -28.02 2.80 -10.28
C TYR A 510 -28.21 3.83 -9.18
N VAL A 511 -28.80 4.96 -9.53
CA VAL A 511 -29.04 6.07 -8.61
C VAL A 511 -30.36 5.80 -7.92
N MET A 512 -30.41 6.02 -6.61
CA MET A 512 -31.60 5.79 -5.79
C MET A 512 -32.11 7.10 -5.30
N LYS A 513 -33.42 7.31 -5.40
CA LYS A 513 -33.98 8.58 -4.96
C LYS A 513 -35.41 8.40 -4.50
N ASP A 514 -35.86 9.27 -3.61
CA ASP A 514 -37.27 9.34 -3.31
C ASP A 514 -37.98 10.20 -4.35
N VAL A 515 -39.20 9.82 -4.68
CA VAL A 515 -39.97 10.44 -5.75
C VAL A 515 -41.46 10.37 -5.39
N ASP A 516 -42.22 11.38 -5.77
CA ASP A 516 -43.64 11.37 -5.62
C ASP A 516 -44.27 10.89 -6.96
N VAL A 517 -45.18 9.94 -6.83
CA VAL A 517 -45.81 9.27 -7.97
C VAL A 517 -47.29 9.07 -7.70
N GLU A 518 -48.02 8.86 -8.78
CA GLU A 518 -49.39 8.41 -8.74
C GLU A 518 -49.38 7.10 -9.50
N TYR A 519 -50.12 6.12 -8.99
CA TYR A 519 -50.22 4.81 -9.61
C TYR A 519 -51.56 4.64 -10.33
N PRO A 520 -51.58 3.85 -11.41
CA PRO A 520 -52.83 3.63 -12.15
C PRO A 520 -53.92 2.95 -11.32
N TRP A 521 -53.51 2.20 -10.30
CA TRP A 521 -54.46 1.49 -9.45
C TRP A 521 -54.98 2.33 -8.28
N ALA A 522 -54.49 3.55 -8.12
CA ALA A 522 -55.09 4.47 -7.16
C ALA A 522 -55.08 5.88 -7.71
N PRO A 523 -55.93 6.17 -8.70
CA PRO A 523 -55.87 7.47 -9.37
C PRO A 523 -56.07 8.62 -8.39
N GLY A 524 -55.21 9.64 -8.52
CA GLY A 524 -55.35 10.85 -7.73
C GLY A 524 -54.61 10.84 -6.40
N THR A 525 -54.10 9.67 -5.98
CA THR A 525 -53.45 9.56 -4.69
C THR A 525 -51.93 9.62 -4.90
N VAL A 526 -51.30 10.64 -4.34
CA VAL A 526 -49.84 10.80 -4.45
C VAL A 526 -49.15 10.00 -3.36
N TYR A 527 -48.15 9.23 -3.77
CA TYR A 527 -47.31 8.45 -2.87
C TYR A 527 -45.88 8.97 -2.99
N ASN A 528 -45.21 9.11 -1.86
CA ASN A 528 -43.78 9.30 -1.82
C ASN A 528 -43.15 7.91 -1.71
N THR A 529 -42.47 7.51 -2.77
CA THR A 529 -41.85 6.21 -2.86
C THR A 529 -40.39 6.38 -3.23
N LYS A 530 -39.74 5.30 -3.66
CA LYS A 530 -38.36 5.37 -4.08
C LYS A 530 -38.18 4.58 -5.36
N GLN A 531 -37.27 5.05 -6.19
CA GLN A 531 -36.95 4.44 -7.47
C GLN A 531 -35.44 4.34 -7.68
N ILE A 532 -35.09 3.51 -8.63
CA ILE A 532 -33.77 3.45 -9.25
C ILE A 532 -33.77 4.03 -10.67
N ALA A 533 -32.61 4.53 -11.09
CA ALA A 533 -32.40 4.98 -12.46
C ALA A 533 -30.96 4.60 -12.82
N ARG A 534 -30.78 3.84 -13.90
CA ARG A 534 -29.45 3.49 -14.40
C ARG A 534 -28.91 4.65 -15.21
N GLU A 535 -27.72 5.11 -14.86
CA GLU A 535 -27.03 6.17 -15.58
C GLU A 535 -25.68 5.67 -16.01
N VAL A 536 -25.34 5.88 -17.28
CA VAL A 536 -24.05 5.46 -17.83
C VAL A 536 -23.03 6.57 -17.65
N PHE A 537 -21.84 6.21 -17.15
CA PHE A 537 -20.69 7.12 -17.11
C PHE A 537 -20.08 7.13 -18.52
N GLU A 538 -20.51 8.07 -19.35
CA GLU A 538 -20.16 8.05 -20.78
C GLU A 538 -18.73 8.44 -21.06
N ASN A 539 -18.14 9.27 -20.20
CA ASN A 539 -16.85 9.92 -20.44
C ASN A 539 -16.06 9.95 -19.16
N GLU A 540 -14.74 10.01 -19.27
CA GLU A 540 -13.90 10.24 -18.12
C GLU A 540 -14.31 11.59 -17.50
N ASP A 541 -14.45 11.58 -16.18
CA ASP A 541 -14.86 12.77 -15.42
C ASP A 541 -13.65 13.28 -14.64
N PHE A 542 -13.21 14.51 -14.91
CA PHE A 542 -12.06 15.08 -14.22
C PHE A 542 -12.26 15.12 -12.70
N ASN A 543 -13.51 15.28 -12.27
CA ASN A 543 -13.85 15.36 -10.86
C ASN A 543 -13.77 14.04 -10.13
N GLY A 544 -13.65 12.90 -10.84
CA GLY A 544 -13.77 11.59 -10.24
C GLY A 544 -15.18 11.34 -9.73
N ILE A 545 -15.30 10.28 -8.96
CA ILE A 545 -16.54 9.84 -8.40
C ILE A 545 -16.36 9.80 -6.89
N ASN A 546 -17.30 10.41 -6.16
CA ASN A 546 -17.35 10.27 -4.72
C ASN A 546 -18.57 9.42 -4.36
N TRP A 547 -18.40 8.56 -3.37
CA TRP A 547 -19.51 7.71 -2.96
C TRP A 547 -20.75 8.57 -2.59
N PRO A 548 -21.95 8.10 -2.94
CA PRO A 548 -23.15 8.95 -2.87
C PRO A 548 -23.63 9.17 -1.42
N GLU A 549 -24.23 10.32 -1.21
CA GLU A 549 -24.83 10.66 0.07
C GLU A 549 -25.81 9.55 0.45
N ASN A 550 -25.79 9.19 1.72
CA ASN A 550 -26.66 8.15 2.26
C ASN A 550 -26.59 6.85 1.49
N GLY A 551 -25.46 6.60 0.84
CA GLY A 551 -25.28 5.35 0.12
C GLY A 551 -26.27 5.13 -1.02
N GLN A 552 -26.82 6.19 -1.57
CA GLN A 552 -27.95 6.10 -2.52
C GLN A 552 -27.47 5.88 -3.96
N GLY A 553 -26.65 4.85 -4.16
CA GLY A 553 -26.26 4.47 -5.50
C GLY A 553 -25.45 3.19 -5.44
N ILE A 554 -25.43 2.49 -6.57
CA ILE A 554 -24.63 1.27 -6.80
C ILE A 554 -23.80 1.49 -8.05
N LEU A 555 -22.48 1.32 -7.93
CA LEU A 555 -21.53 1.52 -9.04
C LEU A 555 -21.15 0.18 -9.65
N LEU A 556 -21.31 0.09 -10.97
CA LEU A 556 -21.06 -1.13 -11.72
C LEU A 556 -20.01 -0.93 -12.81
N ILE A 557 -19.23 -1.98 -13.03
CA ILE A 557 -18.56 -2.20 -14.28
C ILE A 557 -19.29 -3.33 -14.99
N GLU A 558 -19.87 -3.00 -16.14
CA GLU A 558 -20.69 -3.92 -16.93
C GLU A 558 -19.94 -4.36 -18.18
N SER A 559 -20.18 -5.60 -18.60
CA SER A 559 -19.84 -6.00 -19.96
C SER A 559 -20.60 -5.09 -20.93
N ALA A 560 -19.95 -4.67 -22.02
CA ALA A 560 -20.64 -3.87 -23.03
C ALA A 560 -21.68 -4.68 -23.79
N GLU A 561 -21.40 -5.96 -24.00
CA GLU A 561 -22.20 -6.79 -24.88
C GLU A 561 -22.83 -8.03 -24.22
N GLU A 562 -22.16 -8.61 -23.21
CA GLU A 562 -22.60 -9.89 -22.64
C GLU A 562 -23.69 -9.64 -21.58
N THR A 563 -24.74 -10.43 -21.62
CA THR A 563 -25.81 -10.37 -20.63
C THR A 563 -26.01 -11.72 -20.00
N ASN A 564 -26.71 -11.74 -18.87
CA ASN A 564 -27.22 -12.98 -18.31
C ASN A 564 -28.55 -13.34 -18.98
N SER A 565 -29.15 -14.43 -18.52
CA SER A 565 -30.30 -15.01 -19.21
C SER A 565 -31.53 -14.12 -19.17
N PHE A 566 -31.54 -13.14 -18.26
CA PHE A 566 -32.67 -12.23 -18.10
C PHE A 566 -32.45 -10.85 -18.71
N GLY A 567 -31.39 -10.74 -19.52
CA GLY A 567 -31.16 -9.55 -20.30
C GLY A 567 -30.33 -8.49 -19.62
N ASN A 568 -29.87 -8.76 -18.40
CA ASN A 568 -29.09 -7.77 -17.66
C ASN A 568 -27.62 -7.87 -18.07
N PRO A 569 -26.96 -6.74 -18.30
CA PRO A 569 -25.51 -6.76 -18.50
C PRO A 569 -24.79 -7.52 -17.37
N ARG A 570 -23.88 -8.39 -17.72
CA ARG A 570 -23.04 -9.02 -16.72
C ARG A 570 -22.21 -7.92 -16.05
N ALA A 571 -22.16 -7.90 -14.71
CA ALA A 571 -21.50 -6.78 -14.05
C ALA A 571 -20.83 -7.20 -12.75
N TYR A 572 -19.90 -6.37 -12.32
CA TYR A 572 -19.35 -6.40 -10.97
C TYR A 572 -19.61 -5.07 -10.33
N ASN A 573 -20.02 -5.13 -9.07
CA ASN A 573 -20.28 -3.95 -8.24
C ASN A 573 -19.04 -3.66 -7.42
N ILE A 574 -18.57 -2.42 -7.55
CA ILE A 574 -17.50 -1.90 -6.68
C ILE A 574 -18.21 -1.27 -5.48
N MET A 575 -18.12 -1.97 -4.33
CA MET A 575 -18.92 -1.65 -3.13
C MET A 575 -17.95 -1.10 -2.08
N PRO A 576 -18.12 0.14 -1.63
CA PRO A 576 -17.25 0.65 -0.56
C PRO A 576 -17.54 -0.01 0.77
N GLY A 577 -16.50 -0.26 1.53
CA GLY A 577 -16.62 -0.61 2.94
C GLY A 577 -16.18 0.61 3.73
N GLY A 578 -15.59 0.38 4.86
CA GLY A 578 -15.02 1.47 5.61
C GLY A 578 -13.86 2.12 4.94
N GLY A 579 -13.62 3.35 5.33
CA GLY A 579 -12.47 4.07 4.83
C GLY A 579 -12.62 4.55 3.42
N GLY A 580 -13.85 4.84 3.02
CA GLY A 580 -14.10 5.40 1.72
C GLY A 580 -13.98 6.93 1.78
N VAL A 581 -12.75 7.40 2.04
CA VAL A 581 -12.43 8.80 2.16
C VAL A 581 -11.21 9.16 1.33
N HIS A 582 -11.13 10.45 1.01
CA HIS A 582 -10.04 11.04 0.24
C HIS A 582 -9.41 12.21 1.01
N ARG A 583 -8.41 12.84 0.43
CA ARG A 583 -7.74 13.94 1.09
C ARG A 583 -8.69 15.02 1.49
N ILE A 584 -8.45 15.57 2.66
CA ILE A 584 -9.08 16.84 3.12
C ILE A 584 -8.44 18.03 2.45
N VAL A 585 -7.12 18.12 2.51
CA VAL A 585 -6.40 19.26 1.91
C VAL A 585 -6.55 19.23 0.37
N LYS A 586 -6.66 20.41 -0.23
CA LYS A 586 -6.85 20.56 -1.67
C LYS A 586 -5.56 20.95 -2.40
N ASN A 587 -4.82 21.89 -1.84
CA ASN A 587 -3.71 22.52 -2.53
C ASN A 587 -2.48 22.55 -1.63
N SER A 588 -1.72 21.47 -1.62
CA SER A 588 -0.53 21.37 -0.77
C SER A 588 0.74 21.84 -1.45
N ARG A 589 1.46 22.71 -0.76
CA ARG A 589 2.82 23.10 -1.21
C ARG A 589 3.80 21.91 -1.26
N SER A 590 3.49 20.87 -0.48
CA SER A 590 4.32 19.66 -0.42
C SER A 590 3.82 18.55 -1.35
N GLY A 591 2.78 18.84 -2.14
CA GLY A 591 2.38 17.90 -3.18
C GLY A 591 1.44 18.52 -4.20
N PRO A 592 1.93 19.53 -4.92
CA PRO A 592 1.06 20.27 -5.84
C PRO A 592 0.49 19.39 -6.96
N GLU A 593 1.35 18.60 -7.58
CA GLU A 593 0.95 17.80 -8.73
C GLU A 593 1.34 16.33 -8.60
N THR A 594 1.91 15.94 -7.46
CA THR A 594 2.54 14.64 -7.33
C THR A 594 1.60 13.50 -6.95
N GLN A 595 0.39 13.80 -6.50
CA GLN A 595 -0.53 12.81 -5.92
C GLN A 595 -1.97 13.16 -6.27
N ASN A 596 -2.22 13.51 -7.53
CA ASN A 596 -3.51 14.08 -7.92
C ASN A 596 -4.69 13.10 -7.99
N TRP A 597 -4.41 11.81 -7.82
CA TRP A 597 -5.41 10.76 -7.70
C TRP A 597 -6.12 10.74 -6.34
N ALA A 598 -5.59 11.46 -5.34
CA ALA A 598 -6.01 11.27 -3.95
C ALA A 598 -7.15 12.20 -3.50
N ARG A 599 -7.77 12.88 -4.45
CA ARG A 599 -8.70 13.96 -4.20
C ARG A 599 -10.19 13.59 -4.31
N SER A 600 -10.47 12.38 -4.80
CA SER A 600 -11.83 11.86 -4.91
C SER A 600 -11.79 10.41 -4.48
N ASN A 601 -12.94 9.79 -4.30
CA ASN A 601 -12.95 8.38 -3.90
C ASN A 601 -12.46 7.39 -4.97
N LEU A 602 -12.80 7.69 -6.24
CA LEU A 602 -12.42 6.80 -7.33
C LEU A 602 -12.46 7.55 -8.66
N PHE A 603 -11.69 7.02 -9.60
CA PHE A 603 -11.66 7.54 -10.96
C PHE A 603 -11.79 6.39 -11.93
N LEU A 604 -12.49 6.64 -13.03
CA LEU A 604 -12.61 5.66 -14.14
C LEU A 604 -11.90 6.20 -15.35
N THR A 605 -10.99 5.43 -15.93
CA THR A 605 -10.29 5.85 -17.14
C THR A 605 -10.29 4.77 -18.19
N LYS A 606 -9.98 5.18 -19.42
CA LYS A 606 -9.72 4.25 -20.50
C LYS A 606 -8.35 3.62 -20.31
N HIS A 607 -8.29 2.31 -20.37
CA HIS A 607 -7.04 1.59 -20.20
C HIS A 607 -6.02 2.04 -21.22
N LYS A 608 -4.79 2.30 -20.80
CA LYS A 608 -3.66 2.54 -21.72
C LYS A 608 -2.41 1.95 -21.13
N ASP A 609 -1.57 1.36 -21.99
CA ASP A 609 -0.26 0.89 -21.57
C ASP A 609 0.62 2.05 -21.10
N THR A 610 0.42 3.24 -21.65
CA THR A 610 1.13 4.44 -21.21
C THR A 610 0.62 4.98 -19.87
N GLU A 611 -0.49 4.45 -19.38
CA GLU A 611 -1.06 4.85 -18.10
C GLU A 611 -1.01 3.62 -17.20
N LEU A 612 0.22 3.15 -17.02
CA LEU A 612 0.58 1.99 -16.27
C LEU A 612 0.30 2.16 -14.80
N ARG A 613 0.59 3.36 -14.32
CA ARG A 613 0.69 3.57 -12.86
C ARG A 613 0.33 5.02 -12.52
N SER A 614 -0.31 5.20 -11.36
CA SER A 614 -0.83 6.50 -10.95
C SER A 614 0.19 7.36 -10.19
N SER A 615 1.28 6.76 -9.73
CA SER A 615 2.41 7.44 -9.12
C SER A 615 3.65 6.68 -9.48
N THR A 616 4.81 7.22 -9.11
CA THR A 616 6.09 6.53 -9.30
C THR A 616 6.95 6.76 -8.07
N ALA A 617 8.01 6.01 -7.94
CA ALA A 617 8.98 6.20 -6.86
C ALA A 617 9.74 7.52 -7.02
N LEU A 618 9.65 8.10 -8.22
CA LEU A 618 10.33 9.30 -8.61
C LEU A 618 9.44 10.54 -8.53
N ASN A 619 8.20 10.39 -8.05
CA ASN A 619 7.27 11.51 -8.01
C ASN A 619 7.51 12.53 -6.88
N THR A 620 7.86 12.04 -5.69
CA THR A 620 7.61 12.83 -4.48
C THR A 620 8.27 14.20 -4.42
N ASN A 621 9.53 14.30 -4.89
CA ASN A 621 10.24 15.61 -4.88
C ASN A 621 10.03 16.46 -6.12
N ALA A 622 9.40 15.89 -7.14
CA ALA A 622 9.16 16.59 -8.39
C ALA A 622 7.79 17.26 -8.33
N LEU A 623 7.73 18.37 -7.59
CA LEU A 623 6.46 18.86 -7.08
C LEU A 623 5.51 19.35 -8.16
N TYR A 624 6.06 19.95 -9.23
CA TYR A 624 5.27 20.57 -10.28
C TYR A 624 5.27 19.79 -11.60
N ASP A 625 6.35 19.05 -11.86
CA ASP A 625 6.54 18.27 -13.08
C ASP A 625 6.91 16.82 -12.79
N PRO A 626 6.08 16.10 -12.04
CA PRO A 626 6.38 14.70 -11.73
C PRO A 626 6.36 13.81 -12.96
N PRO A 627 7.14 12.74 -12.93
CA PRO A 627 7.07 11.73 -13.99
C PRO A 627 5.65 11.35 -14.36
N VAL A 628 4.80 11.09 -13.37
CA VAL A 628 3.38 10.87 -13.59
C VAL A 628 2.56 11.94 -12.87
N ASN A 629 1.80 12.68 -13.67
CA ASN A 629 0.74 13.52 -13.16
C ASN A 629 -0.55 12.80 -13.50
N PHE A 630 -1.21 12.26 -12.47
CA PHE A 630 -2.40 11.44 -12.67
C PHE A 630 -3.47 12.18 -13.48
N ASN A 631 -3.57 13.50 -13.32
CA ASN A 631 -4.61 14.23 -14.00
C ASN A 631 -4.46 14.16 -15.52
N ALA A 632 -3.28 13.82 -16.03
CA ALA A 632 -3.09 13.66 -17.46
C ALA A 632 -3.95 12.52 -18.02
N PHE A 633 -4.33 11.55 -17.17
CA PHE A 633 -5.15 10.44 -17.63
C PHE A 633 -6.59 10.87 -17.94
N LEU A 634 -7.01 12.01 -17.39
CA LEU A 634 -8.38 12.46 -17.39
C LEU A 634 -8.56 13.50 -18.48
N ASP A 635 -8.92 13.01 -19.66
CA ASP A 635 -9.00 13.85 -20.86
C ASP A 635 -10.28 13.56 -21.64
N ASP A 636 -11.35 13.30 -20.88
CA ASP A 636 -12.72 13.28 -21.38
C ASP A 636 -12.95 12.20 -22.43
N GLU A 637 -12.20 11.12 -22.34
CA GLU A 637 -12.34 10.06 -23.33
C GLU A 637 -13.62 9.27 -23.07
N SER A 638 -14.23 8.81 -24.13
CA SER A 638 -15.40 7.95 -24.00
C SER A 638 -15.06 6.66 -23.27
N LEU A 639 -15.96 6.30 -22.35
CA LEU A 639 -15.88 5.04 -21.64
C LEU A 639 -17.03 4.10 -22.06
N ASP A 640 -17.77 4.52 -23.09
CA ASP A 640 -19.01 3.86 -23.46
C ASP A 640 -18.70 2.70 -24.42
N GLY A 641 -18.27 1.56 -23.86
CA GLY A 641 -17.84 0.41 -24.64
C GLY A 641 -16.34 0.48 -24.89
N GLU A 642 -15.58 0.41 -23.81
CA GLU A 642 -14.15 0.59 -23.81
C GLU A 642 -13.55 -0.26 -22.71
N ASP A 643 -12.25 -0.47 -22.76
CA ASP A 643 -11.53 -1.11 -21.65
C ASP A 643 -11.34 -0.07 -20.57
N ILE A 644 -12.01 -0.28 -19.44
CA ILE A 644 -12.05 0.66 -18.33
C ILE A 644 -11.14 0.13 -17.23
N VAL A 645 -10.50 1.09 -16.56
CA VAL A 645 -9.76 0.84 -15.33
C VAL A 645 -10.39 1.72 -14.23
N ALA A 646 -10.64 1.11 -13.06
CA ALA A 646 -11.06 1.87 -11.89
C ALA A 646 -9.85 2.04 -10.98
N TRP A 647 -9.62 3.29 -10.60
CA TRP A 647 -8.55 3.64 -9.65
C TRP A 647 -9.29 3.99 -8.36
N VAL A 648 -9.21 3.07 -7.40
CA VAL A 648 -10.05 3.08 -6.21
C VAL A 648 -9.22 3.44 -5.01
N ASN A 649 -9.68 4.43 -4.24
CA ASN A 649 -8.98 4.86 -3.05
C ASN A 649 -9.58 4.36 -1.75
N LEU A 650 -8.68 4.07 -0.81
CA LEU A 650 -9.01 3.80 0.60
C LEU A 650 -8.27 4.81 1.43
N GLY A 651 -8.82 5.17 2.57
CA GLY A 651 -8.17 6.17 3.37
C GLY A 651 -8.63 6.22 4.80
N LEU A 652 -7.94 7.03 5.59
CA LEU A 652 -8.24 7.26 6.99
C LEU A 652 -7.86 8.70 7.32
N HIS A 653 -8.76 9.42 7.97
CA HIS A 653 -8.42 10.66 8.63
C HIS A 653 -8.03 10.34 10.07
N HIS A 654 -6.75 10.38 10.36
CA HIS A 654 -6.22 9.89 11.64
C HIS A 654 -5.91 11.07 12.54
N LEU A 655 -6.63 11.12 13.66
CA LEU A 655 -6.47 12.11 14.72
C LEU A 655 -6.12 11.29 15.97
N PRO A 656 -4.85 11.00 16.17
CA PRO A 656 -4.46 10.11 17.25
C PRO A 656 -4.89 10.60 18.64
N ASN A 657 -5.27 9.65 19.46
CA ASN A 657 -5.67 9.89 20.83
C ASN A 657 -4.94 8.93 21.76
N SER A 658 -5.39 8.80 23.01
CA SER A 658 -4.79 7.84 23.95
C SER A 658 -4.75 6.43 23.40
N ASN A 659 -5.73 6.09 22.55
CA ASN A 659 -5.79 4.72 22.01
C ASN A 659 -4.78 4.45 20.93
N ASP A 660 -3.88 5.44 20.68
CA ASP A 660 -2.74 5.32 19.78
C ASP A 660 -1.39 5.30 20.50
N LEU A 661 -1.40 5.29 21.84
CA LEU A 661 -0.16 5.20 22.62
C LEU A 661 -0.13 3.93 23.44
N PRO A 662 0.92 3.14 23.38
CA PRO A 662 2.16 3.40 22.62
C PRO A 662 2.08 3.24 21.11
N ASN A 663 1.07 2.52 20.62
CA ASN A 663 0.91 2.27 19.18
C ASN A 663 -0.54 2.38 18.77
N THR A 664 -0.75 2.71 17.50
CA THR A 664 -2.03 2.58 16.84
C THR A 664 -2.40 1.11 16.72
N ILE A 665 -3.69 0.81 16.77
CA ILE A 665 -4.22 -0.55 16.65
C ILE A 665 -4.91 -0.78 15.29
N PHE A 666 -4.79 -2.02 14.81
CA PHE A 666 -5.26 -2.41 13.50
C PHE A 666 -6.79 -2.51 13.45
N SER A 667 -7.44 -2.77 14.58
CA SER A 667 -8.89 -3.03 14.59
C SER A 667 -9.72 -1.82 14.17
N THR A 668 -9.31 -0.63 14.58
CA THR A 668 -10.04 0.60 14.28
C THR A 668 -9.40 1.49 13.23
N ALA A 669 -8.30 1.05 12.63
CA ALA A 669 -7.63 1.75 11.54
C ALA A 669 -7.73 0.89 10.28
N HIS A 670 -8.93 0.80 9.75
CA HIS A 670 -9.30 -0.20 8.72
C HIS A 670 -10.02 0.47 7.57
N ALA A 671 -9.70 0.02 6.37
CA ALA A 671 -10.39 0.48 5.18
C ALA A 671 -10.52 -0.69 4.21
N SER A 672 -11.64 -0.73 3.46
CA SER A 672 -11.83 -1.91 2.57
C SER A 672 -12.80 -1.53 1.46
N PHE A 673 -12.73 -2.30 0.37
CA PHE A 673 -13.79 -2.27 -0.64
C PHE A 673 -13.97 -3.71 -1.15
N MET A 674 -15.14 -3.96 -1.73
CA MET A 674 -15.45 -5.27 -2.31
C MET A 674 -15.76 -5.11 -3.81
N LEU A 675 -15.45 -6.21 -4.52
CA LEU A 675 -15.84 -6.41 -5.90
C LEU A 675 -16.75 -7.63 -5.87
N THR A 676 -18.02 -7.39 -6.16
CA THR A 676 -19.03 -8.44 -6.00
C THR A 676 -19.85 -8.65 -7.26
N PRO A 677 -20.13 -9.90 -7.64
CA PRO A 677 -20.92 -10.12 -8.84
C PRO A 677 -22.28 -9.47 -8.77
N PHE A 678 -22.74 -8.89 -9.89
CA PHE A 678 -24.02 -8.23 -9.99
C PHE A 678 -24.60 -8.55 -11.36
N ASN A 679 -25.52 -9.49 -11.38
CA ASN A 679 -26.04 -10.03 -12.64
C ASN A 679 -24.97 -10.67 -13.52
N TYR A 680 -23.86 -11.05 -12.91
CA TYR A 680 -22.72 -11.63 -13.62
C TYR A 680 -23.03 -13.07 -14.01
N PHE A 681 -23.82 -13.75 -13.18
CA PHE A 681 -24.40 -15.04 -13.45
C PHE A 681 -25.93 -14.92 -13.49
N ASP A 682 -26.62 -16.02 -13.70
CA ASP A 682 -28.05 -16.10 -13.52
C ASP A 682 -28.48 -16.26 -12.06
N SER A 683 -27.54 -16.65 -11.21
CA SER A 683 -27.82 -16.96 -9.82
C SER A 683 -26.53 -16.81 -9.00
N GLU A 684 -26.71 -16.94 -7.70
CA GLU A 684 -25.60 -16.86 -6.74
C GLU A 684 -24.80 -18.17 -6.79
N ASN A 685 -23.48 -18.05 -6.96
CA ASN A 685 -22.66 -19.18 -7.37
C ASN A 685 -21.83 -19.91 -6.32
N SER A 686 -22.17 -19.74 -5.05
CA SER A 686 -21.59 -20.61 -4.02
C SER A 686 -22.31 -21.93 -3.82
N ARG A 687 -23.46 -22.12 -4.48
CA ARG A 687 -24.36 -23.23 -4.15
C ARG A 687 -23.76 -24.62 -4.37
N ASP A 688 -22.71 -24.71 -5.18
CA ASP A 688 -22.04 -25.96 -5.43
C ASP A 688 -20.99 -26.41 -4.39
N THR A 689 -20.70 -25.57 -3.40
CA THR A 689 -19.77 -25.98 -2.38
C THR A 689 -20.31 -27.17 -1.58
N THR A 690 -19.42 -28.03 -1.11
CA THR A 690 -19.81 -29.06 -0.17
C THR A 690 -19.81 -28.56 1.27
N GLN A 691 -19.33 -27.33 1.51
CA GLN A 691 -19.19 -26.85 2.88
C GLN A 691 -20.53 -26.22 3.31
N GLN A 692 -21.54 -27.08 3.42
CA GLN A 692 -22.88 -26.67 3.79
C GLN A 692 -23.60 -27.83 4.45
N VAL A 693 -24.74 -27.53 5.08
CA VAL A 693 -25.57 -28.53 5.74
C VAL A 693 -27.01 -28.32 5.27
N PHE A 694 -27.73 -29.43 5.16
CA PHE A 694 -29.15 -29.42 4.88
C PHE A 694 -29.80 -30.31 5.91
N TYR A 695 -30.49 -29.69 6.84
CA TYR A 695 -31.21 -30.35 7.91
C TYR A 695 -32.68 -30.37 7.53
N THR A 696 -33.31 -31.53 7.69
CA THR A 696 -34.75 -31.61 7.52
C THR A 696 -35.40 -32.28 8.68
N TYR A 697 -36.65 -31.89 8.93
CA TYR A 697 -37.46 -32.50 9.97
C TYR A 697 -38.73 -33.02 9.33
N ASP A 698 -39.08 -34.27 9.65
CA ASP A 698 -40.29 -34.89 9.15
C ASP A 698 -41.38 -34.71 10.19
N ASP A 699 -42.51 -34.10 9.78
CA ASP A 699 -43.60 -33.77 10.70
C ASP A 699 -44.29 -35.02 11.23
N GLU A 700 -44.45 -36.03 10.35
CA GLU A 700 -45.18 -37.25 10.67
C GLU A 700 -44.33 -38.20 11.52
N THR A 701 -43.14 -38.54 11.03
CA THR A 701 -42.27 -39.51 11.72
C THR A 701 -41.52 -38.89 12.92
N GLU A 702 -41.52 -37.56 13.02
CA GLU A 702 -40.79 -36.84 14.07
C GLU A 702 -39.27 -37.13 14.06
N GLU A 703 -38.74 -37.39 12.87
CA GLU A 703 -37.31 -37.69 12.70
C GLU A 703 -36.59 -36.54 12.00
N SER A 704 -35.36 -36.28 12.44
CA SER A 704 -34.49 -35.29 11.81
C SER A 704 -33.52 -36.04 10.89
N ASN A 705 -33.09 -35.38 9.82
CA ASN A 705 -32.02 -35.89 8.97
C ASN A 705 -31.01 -34.75 8.74
N TRP A 706 -29.73 -35.13 8.74
CA TRP A 706 -28.63 -34.19 8.51
C TRP A 706 -27.88 -34.65 7.28
N GLU A 707 -27.77 -33.77 6.29
CA GLU A 707 -26.95 -33.97 5.09
C GLU A 707 -25.75 -33.01 5.17
N PHE A 708 -24.56 -33.63 5.24
CA PHE A 708 -23.28 -32.90 5.37
C PHE A 708 -22.41 -32.94 4.11
N TYR A 709 -22.89 -33.55 3.04
CA TYR A 709 -22.23 -33.48 1.72
C TYR A 709 -20.78 -33.99 1.75
N GLY A 710 -20.60 -35.06 2.50
CA GLY A 710 -19.34 -35.77 2.56
C GLY A 710 -18.36 -35.31 3.63
N ASN A 711 -18.76 -34.30 4.38
CA ASN A 711 -17.99 -33.80 5.50
C ASN A 711 -18.35 -34.52 6.79
N ASP A 712 -17.40 -35.25 7.35
CA ASP A 712 -17.62 -36.04 8.55
C ASP A 712 -17.25 -35.22 9.77
N TRP A 713 -18.25 -34.76 10.50
CA TRP A 713 -18.01 -33.94 11.71
C TRP A 713 -17.72 -34.75 12.98
N SER A 714 -17.66 -36.08 12.87
CA SER A 714 -17.28 -36.94 14.01
C SER A 714 -15.98 -36.47 14.66
N SER A 715 -15.89 -36.63 15.97
CA SER A 715 -14.71 -36.24 16.73
C SER A 715 -13.50 -36.96 16.16
N CYS A 716 -12.41 -36.24 16.01
CA CYS A 716 -11.17 -36.84 15.54
C CYS A 716 -9.96 -36.06 16.07
N GLY A 717 -8.81 -36.73 16.15
CA GLY A 717 -7.61 -36.17 16.74
C GLY A 717 -6.69 -35.55 15.69
N VAL A 718 -6.12 -34.39 16.05
CA VAL A 718 -5.11 -33.72 15.24
C VAL A 718 -3.99 -33.24 16.13
N GLU A 719 -2.84 -33.03 15.51
CA GLU A 719 -1.74 -32.30 16.10
C GLU A 719 -1.85 -30.83 15.73
N VAL A 720 -1.84 -29.95 16.74
CA VAL A 720 -1.83 -28.51 16.57
C VAL A 720 -0.37 -28.10 16.47
N ALA A 721 0.08 -27.80 15.26
CA ALA A 721 1.49 -27.72 14.96
C ALA A 721 2.09 -26.39 15.40
N GLU A 722 3.35 -26.44 15.80
CA GLU A 722 4.15 -25.24 16.04
C GLU A 722 4.40 -24.51 14.72
N PRO A 723 4.16 -23.20 14.69
CA PRO A 723 4.53 -22.38 13.55
C PRO A 723 6.01 -22.51 13.23
N ASN A 724 6.34 -22.15 12.00
CA ASN A 724 7.72 -22.11 11.49
C ASN A 724 8.55 -20.92 12.00
N PHE A 725 8.63 -20.73 13.33
CA PHE A 725 9.27 -19.54 13.88
C PHE A 725 10.76 -19.48 13.47
N GLU A 726 11.37 -20.64 13.32
CA GLU A 726 12.80 -20.73 12.96
C GLU A 726 13.12 -20.08 11.61
N ASP A 727 12.13 -19.95 10.74
CA ASP A 727 12.29 -19.35 9.42
C ASP A 727 12.29 -17.80 9.49
N TYR A 728 11.86 -17.22 10.62
CA TYR A 728 11.84 -15.76 10.77
C TYR A 728 13.16 -15.23 11.29
N THR A 729 13.85 -14.52 10.40
CA THR A 729 14.99 -13.74 10.79
C THR A 729 14.67 -12.28 10.53
N TYR A 730 15.06 -11.47 11.52
N TYR A 730 14.82 -11.53 11.59
CA TYR A 730 14.92 -10.03 11.43
CA TYR A 730 14.91 -10.13 11.52
C TYR A 730 15.72 -9.48 10.27
C TYR A 730 16.05 -9.73 12.42
N GLY A 731 15.22 -8.39 9.68
N GLY A 731 16.63 -8.57 12.13
CA GLY A 731 15.94 -7.66 8.67
CA GLY A 731 17.73 -8.04 12.90
C GLY A 731 15.16 -7.57 7.39
C GLY A 731 19.05 -8.34 12.20
N ARG A 732 15.67 -6.73 6.48
N ARG A 732 19.13 -9.50 11.57
CA ARG A 732 14.97 -6.38 5.26
CA ARG A 732 20.30 -9.85 10.78
C ARG A 732 15.45 -7.21 4.06
N GLY A 733 15.64 -8.51 4.29
CA GLY A 733 16.06 -9.46 3.26
C GLY A 733 17.53 -9.81 3.28
N THR A 734 17.85 -11.00 2.78
CA THR A 734 19.24 -11.43 2.65
C THR A 734 19.81 -10.90 1.34
N ARG A 735 20.98 -10.24 1.44
CA ARG A 735 21.61 -9.54 0.31
C ARG A 735 22.75 -10.34 -0.31
N ILE A 736 22.79 -10.35 -1.63
CA ILE A 736 23.94 -10.85 -2.37
C ILE A 736 24.42 -9.73 -3.29
N ASN A 737 25.66 -9.30 -3.09
CA ASN A 737 26.24 -8.21 -3.87
C ASN A 737 26.60 -8.69 -5.28
N LYS A 738 26.19 -7.91 -6.28
N LYS A 738 26.19 -7.91 -6.28
CA LYS A 738 26.33 -8.29 -7.68
CA LYS A 738 26.32 -8.29 -7.68
C LYS A 738 27.33 -7.42 -8.43
C LYS A 738 27.33 -7.42 -8.43
N LYS A 739 27.71 -6.29 -7.85
CA LYS A 739 28.67 -5.39 -8.48
C1 NAG B . 4.13 -0.95 -24.64
C2 NAG B . 5.30 -1.13 -25.64
C3 NAG B . 6.11 0.14 -25.91
C4 NAG B . 5.18 1.34 -26.14
C5 NAG B . 4.10 1.34 -25.05
C6 NAG B . 3.13 2.48 -25.16
C7 NAG B . 6.43 -3.30 -25.81
C8 NAG B . 7.30 -4.32 -25.17
N2 NAG B . 6.17 -2.19 -25.12
O3 NAG B . 6.96 -0.07 -27.02
O4 NAG B . 5.85 2.58 -26.01
O5 NAG B . 3.34 0.14 -25.05
O6 NAG B . 2.39 2.28 -26.33
O7 NAG B . 5.96 -3.50 -26.94
H1 NAG B . 4.55 -0.73 -23.66
H2 NAG B . 4.88 -1.43 -26.60
H3 NAG B . 6.71 0.37 -25.03
H4 NAG B . 4.73 1.24 -27.13
H5 NAG B . 4.60 1.42 -24.09
H61 NAG B . 3.67 3.42 -25.11
H62 NAG B . 2.46 2.44 -24.30
H81 NAG B . 8.27 -3.88 -24.94
H82 NAG B . 7.43 -5.15 -25.86
H83 NAG B . 6.83 -4.68 -24.25
HN2 NAG B . 6.84 -1.91 -24.42
C1 NAG B . 6.63 2.97 -27.14
C2 NAG B . 6.53 4.49 -27.21
C3 NAG B . 7.37 4.99 -28.39
C4 NAG B . 8.77 4.41 -28.31
C5 NAG B . 8.79 2.90 -28.09
C6 NAG B . 10.23 2.48 -27.79
C7 NAG B . 4.53 5.76 -26.66
C8 NAG B . 3.12 6.11 -27.05
N2 NAG B . 5.15 4.88 -27.44
O3 NAG B . 7.43 6.41 -28.38
O4 NAG B . 9.43 4.71 -29.52
O5 NAG B . 7.97 2.56 -26.99
O6 NAG B . 10.34 1.07 -27.67
O7 NAG B . 5.07 6.31 -25.70
H1 NAG B . 6.21 2.55 -28.05
H2 NAG B . 6.89 4.90 -26.28
H3 NAG B . 6.90 4.65 -29.31
H4 NAG B . 9.28 4.85 -27.46
H5 NAG B . 8.47 2.41 -29.01
H61 NAG B . 10.57 2.96 -26.89
H62 NAG B . 10.88 2.81 -28.61
H81 NAG B . 2.82 7.04 -26.54
H82 NAG B . 2.45 5.31 -26.77
H83 NAG B . 3.07 6.27 -28.13
HN2 NAG B . 4.64 4.45 -28.20
C1 BMA B . 10.44 5.72 -29.36
C2 BMA B . 11.48 5.48 -30.46
C3 BMA B . 12.55 6.56 -30.47
C4 BMA B . 11.90 7.95 -30.49
C5 BMA B . 10.91 8.07 -29.32
C6 BMA B . 10.23 9.45 -29.21
O2 BMA B . 10.82 5.41 -31.71
O3 BMA B . 13.41 6.36 -31.58
O4 BMA B . 12.89 8.95 -30.39
O5 BMA B . 9.93 7.05 -29.44
O6 BMA B . 9.63 9.85 -30.43
H1 BMA B . 10.94 5.60 -28.40
H2 BMA B . 11.98 4.53 -30.26
H3 BMA B . 13.11 6.50 -29.55
H4 BMA B . 11.36 8.06 -31.43
H5 BMA B . 11.45 7.89 -28.40
H61 BMA B . 10.98 10.20 -28.94
H62 BMA B . 9.48 9.43 -28.42
CU CU C . -2.07 7.37 11.03
CA CA D . -10.59 -3.22 -17.91
CA CA E . -7.93 9.23 -20.71
MG MG F . 11.81 -15.30 -9.69
MG MG G . 7.46 -17.68 -33.99
MG MG H . 6.54 -25.33 -14.29
MG MG I . 14.81 -12.67 -28.00
MG MG J . -6.84 -0.46 -25.41
CL CL K . 9.12 20.20 -10.48
CL CL L . 14.12 13.15 -20.83
CL CL M . 7.46 14.24 28.73
CL CL N . -33.17 2.93 -15.42
CL CL O . 5.28 -22.21 4.22
N1 IMD P . 7.37 6.90 7.78
C2 IMD P . 6.47 6.39 6.89
N3 IMD P . 6.91 6.76 5.65
C4 IMD P . 8.06 7.46 5.76
C5 IMD P . 8.35 7.56 7.10
HN1 IMD P . 7.33 6.81 8.75
H2 IMD P . 5.67 5.87 7.11
HN3 IMD P . 6.47 6.53 4.81
H4 IMD P . 8.58 7.84 5.02
H5 IMD P . 9.11 8.02 7.50
C1 NAG Q . 35.33 6.32 -14.65
C1 NAG Q . 34.65 6.27 -18.93
C2 NAG Q . 36.57 6.69 -15.47
C2 NAG Q . 34.11 6.12 -20.34
C3 NAG Q . 37.72 7.05 -14.53
C3 NAG Q . 35.17 6.49 -21.36
C4 NAG Q . 37.28 8.06 -13.48
C4 NAG Q . 35.58 7.94 -21.11
C5 NAG Q . 35.95 7.67 -12.83
C5 NAG Q . 35.95 8.18 -19.64
C6 NAG Q . 35.45 8.80 -11.94
C6 NAG Q . 36.09 9.67 -19.36
C7 NAG Q . 37.39 5.69 -17.56
C7 NAG Q . 32.42 4.44 -20.89
C8 NAG Q . 37.78 4.39 -18.23
C8 NAG Q . 32.13 2.98 -21.17
N2 NAG Q . 36.97 5.57 -16.30
N2 NAG Q . 33.66 4.76 -20.53
O3 NAG Q . 38.79 7.59 -15.26
O3 NAG Q . 34.63 6.36 -22.65
O4 NAG Q . 38.29 8.15 -12.49
O4 NAG Q . 36.62 8.33 -21.99
O5 NAG Q . 34.98 7.40 -13.82
O5 NAG Q . 35.06 7.59 -18.69
O6 NAG Q . 34.16 8.48 -11.46
O6 NAG Q . 36.59 9.87 -18.06
O7 NAG Q . 37.49 6.74 -18.18
O7 NAG Q . 31.53 5.27 -21.04
H1 NAG Q . 35.58 5.45 -14.03
H1 NAG Q . 35.52 5.60 -18.80
H2 NAG Q . 36.31 7.54 -16.10
H2 NAG Q . 33.26 6.80 -20.44
H3 NAG Q . 38.04 6.15 -14.02
H3 NAG Q . 36.00 5.80 -21.24
H4 NAG Q . 37.16 9.03 -13.96
H4 NAG Q . 34.70 8.57 -21.28
H5 NAG Q . 36.13 6.79 -12.19
H5 NAG Q . 36.90 7.69 -19.40
H61 NAG Q . 35.43 9.72 -12.50
H61 NAG Q . 35.11 10.15 -19.51
H62 NAG Q . 36.12 8.92 -11.09
H62 NAG Q . 36.78 10.10 -20.09
H81 NAG Q . 38.75 4.07 -17.86
H81 NAG Q . 31.78 2.87 -22.19
H82 NAG Q . 37.84 4.55 -19.31
H82 NAG Q . 31.35 2.64 -20.48
H83 NAG Q . 37.04 3.63 -18.01
H83 NAG Q . 33.03 2.39 -21.04
HN2 NAG Q . 36.95 4.66 -15.88
HN2 NAG Q . 34.30 4.02 -20.26
C1 NAG R . 30.19 16.20 17.64
C2 NAG R . 30.83 14.92 17.04
C3 NAG R . 31.60 14.11 18.10
C4 NAG R . 32.55 15.03 18.85
C5 NAG R . 31.81 16.27 19.35
C6 NAG R . 32.78 17.20 20.09
C7 NAG R . 29.75 13.71 15.17
C8 NAG R . 28.67 12.71 14.81
N2 NAG R . 29.79 14.08 16.46
O3 NAG R . 32.34 13.07 17.51
O4 NAG R . 33.12 14.36 19.95
O5 NAG R . 31.20 16.95 18.27
O6 NAG R . 32.42 18.54 19.89
O7 NAG R . 30.50 14.13 14.30
H1 NAG R . 29.45 15.89 18.38
H2 NAG R . 31.55 15.21 16.28
H3 NAG R . 30.88 13.70 18.80
H4 NAG R . 33.33 15.35 18.17
H5 NAG R . 31.05 15.95 20.07
H61 NAG R . 33.80 17.03 19.72
H62 NAG R . 32.77 16.96 21.16
H81 NAG R . 28.88 11.76 15.29
H82 NAG R . 28.66 12.57 13.72
H83 NAG R . 27.70 13.08 15.14
HN2 NAG R . 28.93 14.05 16.97
C1 NAG S . 6.27 -1.83 34.39
C2 NAG S . 6.55 -0.41 33.82
C3 NAG S . 6.84 0.67 34.89
C4 NAG S . 5.99 0.47 36.15
C5 NAG S . 5.99 -0.99 36.59
C6 NAG S . 5.16 -1.24 37.83
C7 NAG S . 7.56 -0.50 31.55
C8 NAG S . 8.83 -0.67 30.77
N2 NAG S . 7.68 -0.48 32.89
O3 NAG S . 6.69 2.01 34.40
O4 NAG S . 6.48 1.28 37.20
O5 NAG S . 5.46 -1.78 35.54
O6 NAG S . 3.80 -1.01 37.53
O7 NAG S . 6.49 -0.39 30.95
H1 NAG S . 7.22 -2.29 34.63
H2 NAG S . 5.67 -0.04 33.30
H3 NAG S . 7.85 0.52 35.27
H4 NAG S . 4.96 0.77 35.92
H5 NAG S . 7.03 -1.28 36.81
H61 NAG S . 5.50 -0.59 38.64
H62 NAG S . 5.28 -2.27 38.16
H81 NAG S . 8.70 -0.25 29.77
H82 NAG S . 9.06 -1.74 30.68
H83 NAG S . 9.65 -0.17 31.28
HN2 NAG S . 8.60 -0.57 33.30
C1 NAG T . 15.68 -17.19 -2.32
C2 NAG T . 16.83 -17.99 -2.96
C3 NAG T . 16.36 -19.35 -3.45
C4 NAG T . 15.69 -20.10 -2.31
C5 NAG T . 14.61 -19.22 -1.65
C6 NAG T . 14.00 -19.90 -0.43
C7 NAG T . 18.77 -16.96 -4.00
C8 NAG T . 19.45 -16.83 -5.32
N2 NAG T . 17.48 -17.26 -4.04
O3 NAG T . 17.44 -20.14 -3.94
O4 NAG T . 15.16 -21.32 -2.79
O5 NAG T . 15.19 -17.99 -1.25
O6 NAG T . 14.97 -19.95 0.60
O7 NAG T . 19.40 -16.78 -2.95
H1 NAG T . 14.88 -17.09 -3.06
H2 NAG T . 17.56 -18.23 -2.19
H3 NAG T . 15.64 -19.20 -4.26
H4 NAG T . 16.44 -20.32 -1.56
H5 NAG T . 13.81 -19.05 -2.39
H61 NAG T . 13.65 -20.89 -0.71
H62 NAG T . 13.14 -19.32 -0.09
H81 NAG T . 20.47 -16.47 -5.18
H82 NAG T . 18.90 -16.13 -5.95
H83 NAG T . 19.48 -17.81 -5.81
HN2 NAG T . 17.03 -17.30 -4.94
#